data_3JQC
#
_entry.id   3JQC
#
_cell.length_a   73.862
_cell.length_b   89.114
_cell.length_c   84.246
_cell.angle_alpha   90.000
_cell.angle_beta   116.080
_cell.angle_gamma   90.000
#
_symmetry.space_group_name_H-M   'P 1 21 1'
#
loop_
_entity.id
_entity.type
_entity.pdbx_description
1 polymer 'Pteridine reductase 1'
2 non-polymer 'NADP NICOTINAMIDE-ADENINE-DINUCLEOTIDE PHOSPHATE'
3 non-polymer 2-amino-6-bromo-4-oxo-4,7-dihydro-3H-pyrrolo[2,3-d]pyrimidine-5-carbonitrile
4 water water
#
_entity_poly.entity_id   1
_entity_poly.type   'polypeptide(L)'
_entity_poly.pdbx_seq_one_letter_code
;MGSSHHHHHHSSGLVPRGSHMEAPAAVVTGAAKRIGRAIAVKLHQTGYRVVIHYHNSAEAAVSLADELNKERSNTAVVCQ
ADLTNSNVLPASCEEIINSCFRAFGRCDVLVNNASAFYPTPLVQGDHEDNSNGKTVETQVAELIGTNAIAPFLLTMSFAQ
RQKGTNPNCTSSNLSIVNLCDAMVDQPCMAFSLYNMGKHALVGLTQSAALELAPYGIRVNGVAPGVSLLPVAMGEEEKDK
WRRKVPLGRREASAEQIADAVIFLVSGSAQYITGSIIKVDGGLSLVHA
;
_entity_poly.pdbx_strand_id   A,B,C,D
#
loop_
_chem_comp.id
_chem_comp.type
_chem_comp.name
_chem_comp.formula
JU2 non-polymer 2-amino-6-bromo-4-oxo-4,7-dihydro-3H-pyrrolo[2,3-d]pyrimidine-5-carbonitrile 'C7 H4 Br N5 O'
NAP non-polymer 'NADP NICOTINAMIDE-ADENINE-DINUCLEOTIDE PHOSPHATE' 'C21 H28 N7 O17 P3'
#
# COMPACT_ATOMS: atom_id res chain seq x y z
N GLU A 22 -28.12 -28.39 10.46
CA GLU A 22 -28.75 -27.04 10.64
C GLU A 22 -28.07 -26.00 9.76
N ALA A 23 -28.87 -25.11 9.19
CA ALA A 23 -28.39 -24.08 8.28
C ALA A 23 -27.66 -22.97 9.04
N PRO A 24 -26.56 -22.45 8.46
CA PRO A 24 -25.87 -21.32 9.09
C PRO A 24 -26.70 -20.04 8.96
N ALA A 25 -26.37 -19.02 9.77
CA ALA A 25 -27.09 -17.75 9.73
C ALA A 25 -26.17 -16.57 9.50
N ALA A 26 -26.66 -15.57 8.76
CA ALA A 26 -25.88 -14.38 8.43
C ALA A 26 -26.61 -13.09 8.74
N VAL A 27 -25.88 -12.11 9.25
CA VAL A 27 -26.40 -10.75 9.38
C VAL A 27 -25.84 -9.91 8.23
N VAL A 28 -26.73 -9.27 7.48
CA VAL A 28 -26.31 -8.31 6.44
C VAL A 28 -26.92 -6.95 6.78
N THR A 29 -26.05 -5.97 7.04
CA THR A 29 -26.52 -4.62 7.36
C THR A 29 -26.86 -3.86 6.08
N GLY A 30 -27.86 -2.97 6.15
CA GLY A 30 -28.34 -2.22 4.97
C GLY A 30 -28.69 -3.13 3.80
N ALA A 31 -29.45 -4.19 4.08
CA ALA A 31 -29.69 -5.27 3.12
C ALA A 31 -31.00 -5.14 2.31
N ALA A 32 -31.71 -4.02 2.46
CA ALA A 32 -33.02 -3.88 1.81
C ALA A 32 -32.94 -3.67 0.31
N LYS A 33 -31.84 -3.07 -0.16
CA LYS A 33 -31.70 -2.82 -1.59
CA LYS A 33 -31.69 -2.72 -1.58
C LYS A 33 -30.26 -2.92 -2.07
N ARG A 34 -30.09 -2.83 -3.39
CA ARG A 34 -28.79 -2.70 -4.03
C ARG A 34 -27.81 -3.81 -3.63
N ILE A 35 -26.58 -3.46 -3.28
CA ILE A 35 -25.54 -4.45 -3.00
C ILE A 35 -25.88 -5.31 -1.78
N GLY A 36 -26.41 -4.68 -0.73
CA GLY A 36 -26.83 -5.40 0.48
C GLY A 36 -27.87 -6.46 0.18
N ARG A 37 -28.88 -6.10 -0.62
CA ARG A 37 -29.89 -7.06 -1.05
C ARG A 37 -29.28 -8.22 -1.84
N ALA A 38 -28.39 -7.88 -2.78
CA ALA A 38 -27.71 -8.88 -3.61
C ALA A 38 -26.95 -9.88 -2.75
N ILE A 39 -26.25 -9.36 -1.74
CA ILE A 39 -25.50 -10.19 -0.80
C ILE A 39 -26.43 -11.10 0.00
N ALA A 40 -27.48 -10.52 0.59
CA ALA A 40 -28.48 -11.30 1.35
C ALA A 40 -29.08 -12.43 0.51
N VAL A 41 -29.50 -12.09 -0.71
CA VAL A 41 -30.06 -13.05 -1.66
C VAL A 41 -29.09 -14.20 -1.99
N LYS A 42 -27.85 -13.86 -2.31
CA LYS A 42 -26.85 -14.87 -2.66
C LYS A 42 -26.48 -15.78 -1.47
N LEU A 43 -26.37 -15.20 -0.28
CA LEU A 43 -26.21 -15.99 0.95
C LEU A 43 -27.39 -16.95 1.17
N HIS A 44 -28.60 -16.44 1.00
CA HIS A 44 -29.82 -17.24 1.11
C HIS A 44 -29.85 -18.39 0.10
N GLN A 45 -29.50 -18.08 -1.15
CA GLN A 45 -29.43 -19.09 -2.21
C GLN A 45 -28.37 -20.16 -1.92
N THR A 46 -27.34 -19.79 -1.18
CA THR A 46 -26.28 -20.71 -0.78
C THR A 46 -26.70 -21.59 0.42
N GLY A 47 -27.82 -21.24 1.06
CA GLY A 47 -28.36 -22.04 2.17
C GLY A 47 -28.39 -21.33 3.52
N TYR A 48 -27.95 -20.07 3.54
CA TYR A 48 -27.97 -19.27 4.78
C TYR A 48 -29.37 -18.80 5.14
N ARG A 49 -29.63 -18.78 6.44
CA ARG A 49 -30.73 -17.99 6.97
C ARG A 49 -30.18 -16.58 7.20
N VAL A 50 -31.01 -15.56 6.95
CA VAL A 50 -30.51 -14.19 6.92
C VAL A 50 -31.30 -13.20 7.80
N VAL A 51 -30.56 -12.32 8.48
CA VAL A 51 -31.16 -11.14 9.09
C VAL A 51 -30.93 -9.99 8.13
N ILE A 52 -32.04 -9.41 7.69
CA ILE A 52 -32.02 -8.27 6.79
C ILE A 52 -32.12 -7.01 7.65
N HIS A 53 -30.98 -6.41 7.94
CA HIS A 53 -30.98 -5.13 8.64
C HIS A 53 -31.31 -4.00 7.67
N TYR A 54 -32.05 -3.01 8.16
CA TYR A 54 -32.37 -1.81 7.38
C TYR A 54 -32.49 -0.61 8.31
N HIS A 55 -32.52 0.57 7.70
CA HIS A 55 -32.75 1.78 8.48
C HIS A 55 -34.09 2.42 8.10
N ASN A 56 -34.16 3.05 6.92
CA ASN A 56 -35.40 3.69 6.50
C ASN A 56 -36.22 2.87 5.51
N SER A 57 -35.60 1.87 4.87
CA SER A 57 -36.28 1.14 3.79
C SER A 57 -37.07 -0.07 4.31
N ALA A 58 -38.08 0.22 5.13
CA ALA A 58 -38.92 -0.81 5.75
C ALA A 58 -39.69 -1.66 4.74
N GLU A 59 -40.34 -1.02 3.78
CA GLU A 59 -41.12 -1.74 2.77
C GLU A 59 -40.24 -2.68 1.94
N ALA A 60 -39.09 -2.16 1.49
CA ALA A 60 -38.14 -2.96 0.72
C ALA A 60 -37.61 -4.14 1.53
N ALA A 61 -37.29 -3.91 2.79
CA ALA A 61 -36.74 -4.95 3.68
C ALA A 61 -37.75 -6.08 3.93
N VAL A 62 -38.98 -5.71 4.25
CA VAL A 62 -40.06 -6.67 4.49
C VAL A 62 -40.38 -7.46 3.22
N SER A 63 -40.41 -6.76 2.09
CA SER A 63 -40.65 -7.38 0.78
C SER A 63 -39.60 -8.44 0.45
N LEU A 64 -38.33 -8.13 0.74
CA LEU A 64 -37.22 -9.06 0.57
C LEU A 64 -37.38 -10.28 1.47
N ALA A 65 -37.61 -10.03 2.76
CA ALA A 65 -37.84 -11.11 3.73
C ALA A 65 -38.98 -12.04 3.29
N ASP A 66 -40.08 -11.44 2.83
CA ASP A 66 -41.23 -12.18 2.31
C ASP A 66 -40.84 -13.10 1.16
N GLU A 67 -40.10 -12.56 0.20
CA GLU A 67 -39.63 -13.34 -0.95
C GLU A 67 -38.76 -14.53 -0.54
N LEU A 68 -37.85 -14.30 0.40
CA LEU A 68 -36.94 -15.35 0.87
C LEU A 68 -37.66 -16.42 1.70
N ASN A 69 -38.60 -15.99 2.54
CA ASN A 69 -39.41 -16.92 3.33
C ASN A 69 -40.37 -17.77 2.47
N LYS A 70 -40.84 -17.20 1.36
CA LYS A 70 -41.65 -17.94 0.39
C LYS A 70 -40.83 -19.04 -0.27
N GLU A 71 -39.53 -18.79 -0.42
CA GLU A 71 -38.60 -19.77 -0.98
C GLU A 71 -38.29 -20.89 0.03
N ARG A 72 -37.92 -20.50 1.25
CA ARG A 72 -37.72 -21.44 2.35
C ARG A 72 -38.30 -20.86 3.63
N SER A 73 -39.29 -21.54 4.20
CA SER A 73 -39.97 -21.07 5.41
C SER A 73 -39.01 -20.76 6.56
N ASN A 74 -39.26 -19.62 7.22
CA ASN A 74 -38.53 -19.22 8.44
C ASN A 74 -37.01 -19.10 8.26
N THR A 75 -36.59 -18.50 7.15
CA THR A 75 -35.17 -18.36 6.87
C THR A 75 -34.74 -16.90 6.73
N ALA A 76 -35.69 -15.97 6.90
CA ALA A 76 -35.36 -14.56 6.84
C ALA A 76 -36.15 -13.76 7.87
N VAL A 77 -35.45 -12.88 8.57
CA VAL A 77 -36.08 -11.88 9.42
C VAL A 77 -35.53 -10.51 9.10
N VAL A 78 -36.26 -9.49 9.54
CA VAL A 78 -35.92 -8.09 9.36
C VAL A 78 -35.47 -7.53 10.71
N CYS A 79 -34.60 -6.52 10.68
CA CYS A 79 -34.14 -5.87 11.91
C CYS A 79 -33.80 -4.39 11.64
N GLN A 80 -34.55 -3.48 12.27
CA GLN A 80 -34.32 -2.07 12.02
C GLN A 80 -33.38 -1.46 13.06
N ALA A 81 -32.41 -0.67 12.59
CA ALA A 81 -31.50 0.05 13.45
C ALA A 81 -30.82 1.20 12.72
N ASP A 82 -30.78 2.36 13.39
CA ASP A 82 -29.97 3.48 12.98
C ASP A 82 -28.53 3.20 13.40
N LEU A 83 -27.59 3.29 12.46
CA LEU A 83 -26.18 3.02 12.75
C LEU A 83 -25.31 4.28 12.83
N THR A 84 -25.97 5.42 12.95
CA THR A 84 -25.32 6.71 13.26
C THR A 84 -24.61 6.55 14.60
N ASN A 85 -23.42 7.12 14.72
CA ASN A 85 -22.71 7.13 15.99
C ASN A 85 -23.50 7.86 17.08
N SER A 86 -23.54 7.28 18.27
CA SER A 86 -24.15 7.86 19.46
C SER A 86 -23.73 7.01 20.65
N ASN A 87 -24.10 7.42 21.86
CA ASN A 87 -23.76 6.62 23.05
C ASN A 87 -24.60 5.34 23.17
N VAL A 88 -25.63 5.19 22.36
CA VAL A 88 -26.40 3.93 22.37
C VAL A 88 -26.09 3.03 21.18
N LEU A 89 -25.23 3.50 20.26
CA LEU A 89 -24.84 2.66 19.12
C LEU A 89 -24.39 1.26 19.56
N PRO A 90 -23.53 1.17 20.61
CA PRO A 90 -23.16 -0.18 21.08
C PRO A 90 -24.36 -1.10 21.38
N ALA A 91 -25.39 -0.59 22.04
CA ALA A 91 -26.59 -1.36 22.33
C ALA A 91 -27.34 -1.75 21.04
N SER A 92 -27.46 -0.82 20.10
CA SER A 92 -28.11 -1.08 18.82
C SER A 92 -27.42 -2.22 18.06
N CYS A 93 -26.10 -2.19 18.07
CA CYS A 93 -25.31 -3.20 17.37
C CYS A 93 -25.39 -4.57 18.07
N GLU A 94 -25.37 -4.55 19.39
CA GLU A 94 -25.56 -5.76 20.18
C GLU A 94 -26.93 -6.38 19.90
N GLU A 95 -27.95 -5.54 19.75
CA GLU A 95 -29.30 -5.98 19.42
C GLU A 95 -29.43 -6.60 18.02
N ILE A 96 -28.69 -6.05 17.05
CA ILE A 96 -28.70 -6.60 15.69
C ILE A 96 -28.19 -8.04 15.71
N ILE A 97 -27.07 -8.24 16.39
CA ILE A 97 -26.51 -9.58 16.55
C ILE A 97 -27.46 -10.48 17.34
N ASN A 98 -27.99 -9.96 18.45
CA ASN A 98 -28.99 -10.67 19.26
C ASN A 98 -30.17 -11.16 18.45
N SER A 99 -30.63 -10.36 17.49
CA SER A 99 -31.78 -10.71 16.65
CA SER A 99 -31.78 -10.71 16.65
C SER A 99 -31.50 -11.95 15.79
N CYS A 100 -30.24 -12.11 15.37
CA CYS A 100 -29.84 -13.31 14.64
C CYS A 100 -29.92 -14.57 15.52
N PHE A 101 -29.43 -14.45 16.75
CA PHE A 101 -29.50 -15.55 17.72
C PHE A 101 -30.94 -15.86 18.15
N ARG A 102 -31.74 -14.81 18.34
CA ARG A 102 -33.16 -14.98 18.67
C ARG A 102 -33.90 -15.73 17.57
N ALA A 103 -33.66 -15.36 16.32
CA ALA A 103 -34.35 -15.97 15.20
C ALA A 103 -33.82 -17.35 14.82
N PHE A 104 -32.50 -17.50 14.77
CA PHE A 104 -31.88 -18.69 14.18
C PHE A 104 -31.00 -19.50 15.13
N GLY A 105 -30.77 -18.99 16.34
CA GLY A 105 -30.00 -19.71 17.36
C GLY A 105 -28.51 -19.71 17.15
N ARG A 106 -28.04 -18.99 16.14
CA ARG A 106 -26.63 -18.91 15.78
C ARG A 106 -26.39 -17.70 14.91
N CYS A 107 -25.13 -17.32 14.77
CA CYS A 107 -24.73 -16.25 13.86
C CYS A 107 -23.33 -16.56 13.33
N ASP A 108 -23.28 -16.97 12.07
CA ASP A 108 -22.06 -17.47 11.45
C ASP A 108 -21.30 -16.42 10.64
N VAL A 109 -22.06 -15.53 10.02
CA VAL A 109 -21.48 -14.53 9.12
C VAL A 109 -22.06 -13.16 9.47
N LEU A 110 -21.18 -12.15 9.45
CA LEU A 110 -21.57 -10.75 9.55
C LEU A 110 -21.05 -9.99 8.31
N VAL A 111 -21.97 -9.36 7.59
CA VAL A 111 -21.59 -8.53 6.45
C VAL A 111 -21.87 -7.05 6.78
N ASN A 112 -20.80 -6.26 6.90
CA ASN A 112 -20.90 -4.84 7.16
C ASN A 112 -21.03 -4.05 5.86
N ASN A 113 -22.28 -3.87 5.46
CA ASN A 113 -22.64 -3.26 4.18
C ASN A 113 -23.21 -1.85 4.33
N ALA A 114 -24.06 -1.65 5.34
CA ALA A 114 -24.74 -0.36 5.55
C ALA A 114 -23.74 0.78 5.56
N SER A 115 -24.06 1.88 4.87
CA SER A 115 -23.13 2.97 4.70
C SER A 115 -23.79 4.27 4.27
N ALA A 116 -23.49 5.36 4.99
CA ALA A 116 -23.84 6.71 4.55
C ALA A 116 -22.77 7.21 3.58
N PHE A 117 -23.21 7.94 2.56
CA PHE A 117 -22.33 8.37 1.49
C PHE A 117 -22.82 9.70 0.93
N TYR A 118 -22.12 10.78 1.27
CA TYR A 118 -22.44 12.11 0.78
C TYR A 118 -21.25 13.04 1.03
N PRO A 119 -21.15 14.13 0.27
CA PRO A 119 -20.00 15.02 0.41
C PRO A 119 -20.04 15.82 1.71
N THR A 120 -18.85 16.05 2.27
CA THR A 120 -18.67 16.88 3.46
C THR A 120 -17.48 17.82 3.22
N PRO A 121 -17.69 18.91 2.45
CA PRO A 121 -16.61 19.82 2.10
C PRO A 121 -15.92 20.44 3.33
N LEU A 122 -14.60 20.56 3.28
CA LEU A 122 -13.83 21.15 4.36
C LEU A 122 -14.03 22.66 4.47
N VAL A 123 -14.31 23.30 3.34
CA VAL A 123 -14.53 24.76 3.30
C VAL A 123 -15.96 25.08 2.86
N GLY A 133 -27.83 21.15 5.18
CA GLY A 133 -28.72 21.26 6.33
C GLY A 133 -28.17 20.60 7.59
N LYS A 134 -27.36 19.55 7.40
CA LYS A 134 -26.80 18.79 8.51
C LYS A 134 -25.64 19.51 9.19
N THR A 135 -25.63 19.47 10.52
CA THR A 135 -24.50 19.96 11.31
C THR A 135 -23.28 19.08 11.05
N VAL A 136 -22.09 19.63 11.24
CA VAL A 136 -20.89 18.83 11.06
C VAL A 136 -20.84 17.66 12.06
N GLU A 137 -21.35 17.86 13.28
CA GLU A 137 -21.41 16.75 14.24
C GLU A 137 -22.29 15.58 13.75
N THR A 138 -23.40 15.92 13.09
CA THR A 138 -24.26 14.92 12.47
C THR A 138 -23.56 14.20 11.31
N GLN A 139 -22.86 14.97 10.48
CA GLN A 139 -22.09 14.42 9.36
C GLN A 139 -21.04 13.42 9.84
N VAL A 140 -20.30 13.82 10.89
CA VAL A 140 -19.34 12.94 11.55
C VAL A 140 -20.03 11.67 12.06
N ALA A 141 -21.10 11.86 12.83
CA ALA A 141 -21.83 10.74 13.42
C ALA A 141 -22.34 9.74 12.38
N GLU A 142 -22.90 10.25 11.28
CA GLU A 142 -23.46 9.37 10.25
C GLU A 142 -22.37 8.66 9.43
N LEU A 143 -21.40 9.42 8.93
CA LEU A 143 -20.39 8.89 8.03
C LEU A 143 -19.38 7.97 8.72
N ILE A 144 -18.88 8.39 9.87
CA ILE A 144 -17.94 7.58 10.64
C ILE A 144 -18.67 6.45 11.39
N GLY A 145 -19.87 6.73 11.88
CA GLY A 145 -20.70 5.72 12.53
C GLY A 145 -21.03 4.54 11.63
N THR A 146 -21.65 4.82 10.49
CA THR A 146 -22.06 3.74 9.59
C THR A 146 -20.86 3.00 8.97
N ASN A 147 -19.86 3.74 8.53
CA ASN A 147 -18.76 3.12 7.78
C ASN A 147 -17.67 2.48 8.63
N ALA A 148 -17.64 2.83 9.91
CA ALA A 148 -16.51 2.41 10.75
C ALA A 148 -16.88 1.96 12.16
N ILE A 149 -17.54 2.83 12.93
CA ILE A 149 -17.83 2.53 14.34
C ILE A 149 -18.86 1.41 14.48
N ALA A 150 -19.94 1.48 13.72
CA ALA A 150 -20.92 0.39 13.76
C ALA A 150 -20.30 -0.96 13.36
N PRO A 151 -19.56 -1.01 12.22
CA PRO A 151 -18.81 -2.25 11.93
C PRO A 151 -17.97 -2.76 13.10
N PHE A 152 -17.29 -1.87 13.81
CA PHE A 152 -16.47 -2.25 14.96
C PHE A 152 -17.33 -2.84 16.10
N LEU A 153 -18.42 -2.16 16.44
CA LEU A 153 -19.31 -2.61 17.53
C LEU A 153 -20.02 -3.92 17.16
N LEU A 154 -20.47 -4.04 15.92
CA LEU A 154 -21.05 -5.30 15.42
C LEU A 154 -20.04 -6.44 15.48
N THR A 155 -18.79 -6.13 15.14
CA THR A 155 -17.68 -7.09 15.21
C THR A 155 -17.48 -7.55 16.66
N MET A 156 -17.47 -6.60 17.60
CA MET A 156 -17.37 -6.90 19.02
C MET A 156 -18.48 -7.84 19.48
N SER A 157 -19.73 -7.48 19.16
CA SER A 157 -20.90 -8.25 19.60
C SER A 157 -20.92 -9.63 18.94
N PHE A 158 -20.58 -9.68 17.65
CA PHE A 158 -20.45 -10.94 16.92
C PHE A 158 -19.46 -11.89 17.61
N ALA A 159 -18.25 -11.40 17.86
CA ALA A 159 -17.21 -12.19 18.52
C ALA A 159 -17.59 -12.64 19.94
N GLN A 160 -18.16 -11.72 20.73
CA GLN A 160 -18.51 -12.03 22.11
C GLN A 160 -19.60 -13.09 22.23
N ARG A 161 -20.50 -13.11 21.27
CA ARG A 161 -21.58 -14.10 21.20
C ARG A 161 -21.14 -15.52 20.81
N GLN A 162 -19.92 -15.67 20.30
CA GLN A 162 -19.43 -16.97 19.85
C GLN A 162 -18.86 -17.78 21.01
N SER A 172 -17.62 -25.49 11.97
CA SER A 172 -18.21 -24.20 11.63
C SER A 172 -17.23 -23.29 10.86
N ASN A 173 -17.79 -22.31 10.16
CA ASN A 173 -17.01 -21.42 9.30
C ASN A 173 -17.45 -19.97 9.54
N LEU A 174 -16.93 -19.40 10.62
CA LEU A 174 -17.31 -18.06 11.05
C LEU A 174 -16.46 -17.02 10.34
N SER A 175 -17.10 -15.99 9.79
CA SER A 175 -16.36 -14.87 9.21
C SER A 175 -17.16 -13.59 9.11
N ILE A 176 -16.44 -12.49 8.93
CA ILE A 176 -16.98 -11.17 8.76
C ILE A 176 -16.47 -10.64 7.42
N VAL A 177 -17.35 -10.04 6.64
CA VAL A 177 -16.95 -9.38 5.40
C VAL A 177 -17.32 -7.90 5.50
N ASN A 178 -16.32 -7.03 5.39
CA ASN A 178 -16.55 -5.58 5.37
C ASN A 178 -16.60 -5.02 3.97
N LEU A 179 -17.61 -4.22 3.67
CA LEU A 179 -17.70 -3.58 2.36
CA LEU A 179 -17.68 -3.58 2.36
C LEU A 179 -16.90 -2.28 2.34
N CYS A 180 -15.76 -2.34 1.66
CA CYS A 180 -14.76 -1.29 1.66
C CYS A 180 -14.92 -0.48 0.38
N ASP A 181 -13.83 0.11 -0.11
CA ASP A 181 -13.87 0.99 -1.28
C ASP A 181 -12.50 0.97 -1.95
N ALA A 182 -12.46 0.52 -3.21
CA ALA A 182 -11.20 0.37 -3.95
C ALA A 182 -10.50 1.71 -4.21
N MET A 183 -11.24 2.81 -4.09
CA MET A 183 -10.75 4.12 -4.46
C MET A 183 -10.34 4.98 -3.25
N VAL A 184 -10.11 4.35 -2.11
CA VAL A 184 -9.83 5.11 -0.88
C VAL A 184 -8.55 5.93 -0.93
N ASP A 185 -7.57 5.50 -1.73
CA ASP A 185 -6.33 6.27 -1.90
C ASP A 185 -6.42 7.28 -3.03
N GLN A 186 -7.52 7.24 -3.77
CA GLN A 186 -7.80 8.20 -4.84
C GLN A 186 -9.21 8.75 -4.63
N PRO A 187 -9.45 9.43 -3.49
CA PRO A 187 -10.83 9.69 -3.05
C PRO A 187 -11.60 10.70 -3.91
N CYS A 188 -12.93 10.60 -3.88
CA CYS A 188 -13.78 11.62 -4.49
C CYS A 188 -13.58 12.95 -3.78
N MET A 189 -13.53 14.03 -4.56
CA MET A 189 -13.36 15.37 -4.05
C MET A 189 -14.46 15.75 -3.04
N ALA A 190 -14.05 16.28 -1.90
CA ALA A 190 -14.94 16.72 -0.80
C ALA A 190 -15.71 15.60 -0.08
N PHE A 191 -15.18 14.38 -0.14
CA PHE A 191 -15.75 13.25 0.58
C PHE A 191 -14.84 12.78 1.74
N SER A 192 -14.28 13.74 2.50
CA SER A 192 -13.26 13.40 3.51
C SER A 192 -13.77 12.48 4.63
N LEU A 193 -14.93 12.77 5.20
CA LEU A 193 -15.47 11.94 6.28
C LEU A 193 -15.81 10.52 5.82
N TYR A 194 -16.47 10.42 4.66
CA TYR A 194 -16.72 9.13 4.03
C TYR A 194 -15.40 8.36 3.83
N ASN A 195 -14.42 9.03 3.25
CA ASN A 195 -13.11 8.42 3.01
C ASN A 195 -12.40 8.00 4.29
N MET A 196 -12.44 8.85 5.31
CA MET A 196 -11.88 8.52 6.63
C MET A 196 -12.55 7.25 7.21
N GLY A 197 -13.87 7.18 7.08
CA GLY A 197 -14.66 6.03 7.53
C GLY A 197 -14.24 4.75 6.83
N LYS A 198 -14.10 4.83 5.50
CA LYS A 198 -13.66 3.65 4.74
C LYS A 198 -12.22 3.23 5.05
N HIS A 199 -11.32 4.19 5.30
CA HIS A 199 -9.96 3.86 5.74
C HIS A 199 -9.98 3.18 7.10
N ALA A 200 -10.82 3.69 8.01
CA ALA A 200 -10.93 3.10 9.34
C ALA A 200 -11.45 1.66 9.22
N LEU A 201 -12.32 1.42 8.23
CA LEU A 201 -12.85 0.08 7.95
C LEU A 201 -11.73 -0.88 7.53
N VAL A 202 -10.76 -0.39 6.77
CA VAL A 202 -9.55 -1.17 6.42
C VAL A 202 -8.79 -1.55 7.69
N GLY A 203 -8.56 -0.58 8.57
CA GLY A 203 -7.88 -0.81 9.85
C GLY A 203 -8.63 -1.81 10.71
N LEU A 204 -9.95 -1.71 10.72
CA LEU A 204 -10.76 -2.68 11.47
C LEU A 204 -10.61 -4.10 10.89
N THR A 205 -10.70 -4.20 9.57
CA THR A 205 -10.53 -5.48 8.87
C THR A 205 -9.23 -6.15 9.31
N GLN A 206 -8.13 -5.39 9.30
CA GLN A 206 -6.81 -5.88 9.68
C GLN A 206 -6.71 -6.23 11.16
N SER A 207 -7.07 -5.26 12.01
CA SER A 207 -7.01 -5.42 13.47
C SER A 207 -7.85 -6.60 13.96
N ALA A 208 -9.07 -6.71 13.45
CA ALA A 208 -9.98 -7.79 13.86
C ALA A 208 -9.57 -9.15 13.29
N ALA A 209 -9.02 -9.18 12.08
CA ALA A 209 -8.46 -10.42 11.53
C ALA A 209 -7.37 -10.97 12.45
N LEU A 210 -6.44 -10.10 12.84
CA LEU A 210 -5.34 -10.47 13.74
C LEU A 210 -5.87 -11.02 15.07
N GLU A 211 -6.80 -10.27 15.67
CA GLU A 211 -7.28 -10.53 17.02
C GLU A 211 -8.28 -11.69 17.10
N LEU A 212 -9.10 -11.85 16.07
CA LEU A 212 -10.13 -12.90 16.11
C LEU A 212 -9.71 -14.23 15.48
N ALA A 213 -8.53 -14.24 14.86
CA ALA A 213 -7.98 -15.48 14.29
C ALA A 213 -7.91 -16.65 15.29
N PRO A 214 -7.46 -16.42 16.55
CA PRO A 214 -7.46 -17.51 17.54
C PRO A 214 -8.85 -18.12 17.82
N TYR A 215 -9.90 -17.38 17.49
CA TYR A 215 -11.28 -17.83 17.68
C TYR A 215 -11.86 -18.50 16.42
N GLY A 216 -11.06 -18.57 15.36
CA GLY A 216 -11.50 -19.14 14.10
C GLY A 216 -12.41 -18.20 13.30
N ILE A 217 -12.45 -16.94 13.70
CA ILE A 217 -13.23 -15.93 12.98
C ILE A 217 -12.33 -15.23 11.97
N ARG A 218 -12.61 -15.43 10.69
CA ARG A 218 -11.88 -14.73 9.62
C ARG A 218 -12.54 -13.38 9.35
N VAL A 219 -11.73 -12.40 8.99
CA VAL A 219 -12.21 -11.04 8.77
C VAL A 219 -11.60 -10.52 7.48
N ASN A 220 -12.46 -10.23 6.52
CA ASN A 220 -12.02 -9.86 5.18
C ASN A 220 -12.87 -8.72 4.65
N GLY A 221 -12.50 -8.22 3.49
CA GLY A 221 -13.23 -7.13 2.86
C GLY A 221 -13.43 -7.31 1.37
N VAL A 222 -14.45 -6.64 0.84
CA VAL A 222 -14.68 -6.56 -0.59
C VAL A 222 -14.75 -5.07 -0.94
N ALA A 223 -13.95 -4.66 -1.91
CA ALA A 223 -13.77 -3.26 -2.23
C ALA A 223 -14.26 -2.94 -3.66
N PRO A 224 -15.53 -2.52 -3.80
CA PRO A 224 -15.98 -2.06 -5.11
C PRO A 224 -15.28 -0.78 -5.53
N GLY A 225 -15.21 -0.56 -6.83
CA GLY A 225 -14.83 0.74 -7.36
C GLY A 225 -16.13 1.48 -7.58
N VAL A 226 -16.70 1.33 -8.77
CA VAL A 226 -18.10 1.71 -8.99
C VAL A 226 -18.95 0.47 -9.25
N SER A 227 -20.02 0.34 -8.49
CA SER A 227 -21.04 -0.65 -8.74
C SER A 227 -22.33 0.12 -8.99
N LEU A 228 -23.45 -0.31 -8.40
CA LEU A 228 -24.72 0.40 -8.56
C LEU A 228 -24.53 1.87 -8.18
N LEU A 229 -24.66 2.72 -9.18
CA LEU A 229 -24.42 4.15 -9.01
C LEU A 229 -25.61 4.78 -8.27
N PRO A 230 -25.38 5.90 -7.55
CA PRO A 230 -26.45 6.50 -6.75
C PRO A 230 -27.70 6.79 -7.56
N VAL A 231 -28.87 6.57 -6.96
CA VAL A 231 -30.14 6.78 -7.65
C VAL A 231 -30.32 8.25 -8.06
N ALA A 232 -29.78 9.15 -7.25
CA ALA A 232 -29.90 10.60 -7.52
C ALA A 232 -29.00 11.07 -8.67
N MET A 233 -28.01 10.26 -9.03
CA MET A 233 -27.05 10.61 -10.07
C MET A 233 -27.72 10.58 -11.45
N GLY A 234 -27.51 11.64 -12.23
CA GLY A 234 -28.03 11.70 -13.59
C GLY A 234 -27.27 10.77 -14.51
N GLU A 235 -27.94 10.32 -15.58
CA GLU A 235 -27.38 9.35 -16.51
C GLU A 235 -26.09 9.81 -17.18
N GLU A 236 -25.98 11.11 -17.44
CA GLU A 236 -24.75 11.68 -18.01
C GLU A 236 -23.55 11.50 -17.08
N GLU A 237 -23.74 11.81 -15.79
CA GLU A 237 -22.69 11.62 -14.79
C GLU A 237 -22.35 10.14 -14.57
N LYS A 238 -23.38 9.28 -14.57
CA LYS A 238 -23.19 7.83 -14.52
C LYS A 238 -22.32 7.34 -15.67
N ASP A 239 -22.61 7.80 -16.89
CA ASP A 239 -21.82 7.44 -18.08
C ASP A 239 -20.37 7.90 -17.99
N LYS A 240 -20.14 9.06 -17.36
CA LYS A 240 -18.78 9.55 -17.11
C LYS A 240 -17.97 8.53 -16.30
N TRP A 241 -18.56 8.02 -15.23
CA TRP A 241 -17.91 7.01 -14.38
C TRP A 241 -17.71 5.69 -15.09
N ARG A 242 -18.74 5.23 -15.78
CA ARG A 242 -18.67 4.01 -16.57
C ARG A 242 -17.50 4.01 -17.55
N ARG A 243 -17.32 5.14 -18.26
CA ARG A 243 -16.24 5.29 -19.23
C ARG A 243 -14.82 5.18 -18.64
N LYS A 244 -14.70 5.36 -17.33
CA LYS A 244 -13.41 5.27 -16.64
C LYS A 244 -12.97 3.83 -16.43
N VAL A 245 -13.92 2.89 -16.51
CA VAL A 245 -13.65 1.50 -16.15
C VAL A 245 -12.99 0.75 -17.32
N PRO A 246 -11.72 0.32 -17.15
CA PRO A 246 -11.02 -0.38 -18.24
C PRO A 246 -11.72 -1.68 -18.68
N LEU A 247 -12.19 -2.47 -17.72
CA LEU A 247 -12.83 -3.75 -18.02
C LEU A 247 -14.31 -3.57 -18.36
N GLY A 248 -14.59 -3.25 -19.62
CA GLY A 248 -15.95 -3.23 -20.15
C GLY A 248 -16.66 -1.90 -20.14
N ARG A 249 -15.99 -0.86 -19.62
CA ARG A 249 -16.55 0.49 -19.60
C ARG A 249 -17.96 0.52 -18.97
N ARG A 250 -18.10 -0.17 -17.84
CA ARG A 250 -19.37 -0.38 -17.20
C ARG A 250 -19.17 -0.57 -15.70
N GLU A 251 -20.17 -0.24 -14.92
CA GLU A 251 -20.10 -0.50 -13.48
C GLU A 251 -20.40 -1.97 -13.21
N ALA A 252 -20.00 -2.43 -12.03
CA ALA A 252 -20.29 -3.78 -11.59
C ALA A 252 -21.77 -3.93 -11.23
N SER A 253 -22.34 -5.09 -11.52
CA SER A 253 -23.65 -5.43 -11.00
C SER A 253 -23.51 -5.69 -9.51
N ALA A 254 -24.60 -5.54 -8.78
CA ALA A 254 -24.59 -5.90 -7.37
C ALA A 254 -24.20 -7.38 -7.18
N GLU A 255 -24.62 -8.24 -8.13
CA GLU A 255 -24.34 -9.68 -8.06
C GLU A 255 -22.85 -9.95 -8.11
N GLN A 256 -22.15 -9.23 -8.99
CA GLN A 256 -20.70 -9.34 -9.08
C GLN A 256 -19.99 -9.03 -7.77
N ILE A 257 -20.45 -7.97 -7.08
CA ILE A 257 -19.94 -7.64 -5.74
C ILE A 257 -20.25 -8.78 -4.76
N ALA A 258 -21.49 -9.28 -4.81
CA ALA A 258 -21.94 -10.37 -3.94
C ALA A 258 -21.15 -11.65 -4.16
N ASP A 259 -20.77 -11.90 -5.41
CA ASP A 259 -19.92 -13.05 -5.74
C ASP A 259 -18.63 -13.11 -4.92
N ALA A 260 -17.99 -11.95 -4.74
CA ALA A 260 -16.74 -11.86 -3.99
C ALA A 260 -17.00 -12.09 -2.50
N VAL A 261 -18.14 -11.59 -2.02
CA VAL A 261 -18.55 -11.79 -0.63
C VAL A 261 -18.74 -13.29 -0.36
N ILE A 262 -19.46 -13.97 -1.24
CA ILE A 262 -19.72 -15.39 -0.99
C ILE A 262 -18.46 -16.25 -1.12
N PHE A 263 -17.51 -15.86 -1.97
CA PHE A 263 -16.20 -16.52 -1.99
C PHE A 263 -15.52 -16.45 -0.62
N LEU A 264 -15.46 -15.25 -0.06
CA LEU A 264 -14.81 -15.01 1.24
C LEU A 264 -15.47 -15.76 2.41
N VAL A 265 -16.80 -15.90 2.38
CA VAL A 265 -17.48 -16.66 3.44
C VAL A 265 -17.36 -18.17 3.24
N SER A 266 -17.08 -18.60 2.01
CA SER A 266 -17.07 -20.02 1.64
C SER A 266 -15.87 -20.79 2.18
N GLY A 267 -15.96 -22.12 2.12
CA GLY A 267 -14.86 -23.02 2.44
C GLY A 267 -13.66 -22.89 1.52
N SER A 268 -13.83 -22.22 0.38
CA SER A 268 -12.75 -21.97 -0.56
C SER A 268 -11.82 -20.85 -0.09
N ALA A 269 -12.16 -20.23 1.03
CA ALA A 269 -11.41 -19.10 1.56
C ALA A 269 -10.97 -19.33 3.01
N GLN A 270 -10.86 -20.59 3.40
CA GLN A 270 -10.62 -20.94 4.81
C GLN A 270 -9.28 -20.51 5.40
N TYR A 271 -8.31 -20.17 4.55
CA TYR A 271 -7.01 -19.68 5.00
C TYR A 271 -6.89 -18.16 4.80
N ILE A 272 -7.94 -17.55 4.27
CA ILE A 272 -7.92 -16.13 3.95
C ILE A 272 -8.49 -15.32 5.11
N THR A 273 -7.64 -14.49 5.71
CA THR A 273 -8.10 -13.48 6.67
C THR A 273 -7.24 -12.22 6.56
N GLY A 274 -7.86 -11.05 6.76
CA GLY A 274 -7.19 -9.77 6.63
C GLY A 274 -6.98 -9.35 5.20
N SER A 275 -7.68 -9.99 4.27
CA SER A 275 -7.57 -9.67 2.84
CA SER A 275 -7.56 -9.65 2.85
C SER A 275 -8.75 -8.83 2.39
N ILE A 276 -8.48 -7.87 1.51
CA ILE A 276 -9.52 -7.07 0.91
C ILE A 276 -9.44 -7.25 -0.60
N ILE A 277 -10.50 -7.78 -1.20
CA ILE A 277 -10.55 -8.08 -2.61
C ILE A 277 -11.20 -6.92 -3.36
N LYS A 278 -10.43 -6.25 -4.20
CA LYS A 278 -10.96 -5.23 -5.13
C LYS A 278 -11.84 -5.90 -6.14
N VAL A 279 -13.01 -5.32 -6.38
CA VAL A 279 -13.90 -5.75 -7.44
C VAL A 279 -14.26 -4.47 -8.21
N ASP A 280 -13.30 -3.99 -9.00
CA ASP A 280 -13.39 -2.64 -9.56
C ASP A 280 -13.16 -2.54 -11.07
N GLY A 281 -12.97 -3.68 -11.74
CA GLY A 281 -12.80 -3.70 -13.21
C GLY A 281 -11.60 -2.88 -13.66
N GLY A 282 -10.64 -2.69 -12.75
CA GLY A 282 -9.41 -1.98 -13.04
C GLY A 282 -9.44 -0.47 -12.80
N LEU A 283 -10.57 0.04 -12.30
CA LEU A 283 -10.78 1.49 -12.10
C LEU A 283 -9.66 2.16 -11.30
N SER A 284 -9.25 1.53 -10.21
CA SER A 284 -8.23 2.08 -9.32
C SER A 284 -6.83 2.13 -9.95
N LEU A 285 -6.67 1.47 -11.09
CA LEU A 285 -5.39 1.43 -11.79
C LEU A 285 -5.20 2.60 -12.75
N VAL A 286 -6.29 3.34 -12.99
CA VAL A 286 -6.28 4.39 -14.01
C VAL A 286 -5.82 5.73 -13.41
N HIS A 287 -4.74 6.28 -13.95
CA HIS A 287 -4.26 7.58 -13.51
C HIS A 287 -5.19 8.72 -13.97
N ALA A 288 -5.02 9.89 -13.36
CA ALA A 288 -5.77 11.11 -13.68
C ALA A 288 -5.70 11.48 -15.15
N GLU B 22 -16.57 -27.19 -26.29
CA GLU B 22 -15.15 -27.55 -26.12
C GLU B 22 -14.56 -27.00 -24.81
N ALA B 23 -13.67 -27.78 -24.21
CA ALA B 23 -13.10 -27.44 -22.91
C ALA B 23 -12.06 -26.32 -23.04
N PRO B 24 -12.01 -25.40 -22.06
CA PRO B 24 -10.95 -24.40 -22.06
C PRO B 24 -9.60 -25.03 -21.73
N ALA B 25 -8.52 -24.29 -22.00
CA ALA B 25 -7.18 -24.79 -21.75
C ALA B 25 -6.37 -23.79 -20.92
N ALA B 26 -5.52 -24.32 -20.05
CA ALA B 26 -4.68 -23.48 -19.20
C ALA B 26 -3.22 -23.89 -19.23
N VAL B 27 -2.35 -22.90 -19.16
CA VAL B 27 -0.93 -23.10 -18.94
C VAL B 27 -0.60 -22.81 -17.47
N VAL B 28 0.03 -23.78 -16.82
CA VAL B 28 0.54 -23.59 -15.46
C VAL B 28 2.05 -23.83 -15.46
N THR B 29 2.81 -22.78 -15.18
CA THR B 29 4.28 -22.91 -15.12
C THR B 29 4.69 -23.50 -13.78
N GLY B 30 5.79 -24.26 -13.79
CA GLY B 30 6.27 -24.95 -12.58
C GLY B 30 5.20 -25.81 -11.91
N ALA B 31 4.51 -26.63 -12.71
CA ALA B 31 3.31 -27.33 -12.28
C ALA B 31 3.55 -28.78 -11.82
N ALA B 32 4.81 -29.21 -11.76
CA ALA B 32 5.15 -30.60 -11.43
C ALA B 32 4.92 -30.94 -9.97
N LYS B 33 5.05 -29.94 -9.11
CA LYS B 33 5.03 -30.12 -7.65
C LYS B 33 4.26 -29.05 -6.90
N ARG B 34 3.93 -29.36 -5.65
CA ARG B 34 3.46 -28.37 -4.68
C ARG B 34 2.31 -27.49 -5.17
N ILE B 35 2.46 -26.17 -5.08
CA ILE B 35 1.35 -25.25 -5.40
C ILE B 35 0.95 -25.32 -6.88
N GLY B 36 1.94 -25.33 -7.77
CA GLY B 36 1.71 -25.47 -9.20
C GLY B 36 0.94 -26.73 -9.54
N ARG B 37 1.33 -27.85 -8.93
CA ARG B 37 0.63 -29.11 -9.11
C ARG B 37 -0.83 -29.00 -8.67
N ALA B 38 -1.05 -28.43 -7.48
CA ALA B 38 -2.39 -28.29 -6.92
C ALA B 38 -3.27 -27.44 -7.82
N ILE B 39 -2.69 -26.36 -8.36
CA ILE B 39 -3.38 -25.50 -9.31
C ILE B 39 -3.77 -26.27 -10.59
N ALA B 40 -2.81 -26.96 -11.20
CA ALA B 40 -3.08 -27.75 -12.41
C ALA B 40 -4.18 -28.78 -12.18
N VAL B 41 -4.09 -29.51 -11.07
CA VAL B 41 -5.11 -30.50 -10.67
C VAL B 41 -6.51 -29.90 -10.50
N LYS B 42 -6.61 -28.78 -9.78
CA LYS B 42 -7.90 -28.13 -9.58
C LYS B 42 -8.48 -27.56 -10.87
N LEU B 43 -7.63 -26.98 -11.71
CA LEU B 43 -8.07 -26.53 -13.03
C LEU B 43 -8.61 -27.73 -13.84
N HIS B 44 -7.85 -28.83 -13.82
CA HIS B 44 -8.27 -30.05 -14.52
C HIS B 44 -9.60 -30.59 -14.00
N GLN B 45 -9.77 -30.63 -12.67
CA GLN B 45 -11.02 -31.06 -12.06
C GLN B 45 -12.20 -30.15 -12.39
N THR B 46 -11.91 -28.89 -12.68
CA THR B 46 -12.92 -27.90 -13.07
C THR B 46 -13.32 -28.07 -14.54
N GLY B 47 -12.53 -28.83 -15.31
CA GLY B 47 -12.83 -29.11 -16.70
C GLY B 47 -11.81 -28.58 -17.71
N TYR B 48 -10.73 -27.96 -17.20
CA TYR B 48 -9.69 -27.44 -18.08
C TYR B 48 -8.80 -28.56 -18.61
N ARG B 49 -8.34 -28.38 -19.84
CA ARG B 49 -7.17 -29.10 -20.29
C ARG B 49 -5.95 -28.28 -19.89
N VAL B 50 -4.85 -28.96 -19.54
CA VAL B 50 -3.71 -28.28 -18.95
C VAL B 50 -2.37 -28.56 -19.61
N VAL B 51 -1.57 -27.51 -19.74
CA VAL B 51 -0.15 -27.65 -20.04
C VAL B 51 0.58 -27.59 -18.71
N ILE B 52 1.32 -28.66 -18.42
CA ILE B 52 2.13 -28.75 -17.23
C ILE B 52 3.55 -28.38 -17.60
N HIS B 53 3.91 -27.12 -17.36
CA HIS B 53 5.28 -26.71 -17.57
C HIS B 53 6.14 -27.14 -16.39
N TYR B 54 7.38 -27.50 -16.69
CA TYR B 54 8.35 -27.86 -15.65
C TYR B 54 9.76 -27.49 -16.13
N HIS B 55 10.71 -27.56 -15.22
CA HIS B 55 12.09 -27.29 -15.55
C HIS B 55 12.93 -28.56 -15.32
N ASN B 56 13.18 -28.88 -14.06
CA ASN B 56 13.98 -30.05 -13.70
C ASN B 56 13.16 -31.29 -13.34
N SER B 57 11.90 -31.10 -12.95
CA SER B 57 11.08 -32.20 -12.41
C SER B 57 10.34 -32.99 -13.48
N ALA B 58 11.11 -33.66 -14.35
CA ALA B 58 10.56 -34.36 -15.51
C ALA B 58 9.67 -35.52 -15.10
N GLU B 59 10.17 -36.35 -14.18
CA GLU B 59 9.43 -37.51 -13.69
C GLU B 59 8.11 -37.10 -13.05
N ALA B 60 8.15 -36.11 -12.17
CA ALA B 60 6.95 -35.60 -11.51
C ALA B 60 5.94 -35.03 -12.52
N ALA B 61 6.43 -34.24 -13.47
CA ALA B 61 5.57 -33.63 -14.48
C ALA B 61 4.88 -34.66 -15.37
N VAL B 62 5.65 -35.64 -15.85
CA VAL B 62 5.14 -36.70 -16.71
C VAL B 62 4.12 -37.57 -15.94
N SER B 63 4.43 -37.89 -14.68
CA SER B 63 3.50 -38.70 -13.86
C SER B 63 2.18 -37.96 -13.58
N LEU B 64 2.26 -36.64 -13.36
CA LEU B 64 1.06 -35.80 -13.23
C LEU B 64 0.20 -35.85 -14.49
N ALA B 65 0.82 -35.57 -15.64
CA ALA B 65 0.13 -35.60 -16.93
C ALA B 65 -0.53 -36.96 -17.17
N ASP B 66 0.19 -38.03 -16.84
CA ASP B 66 -0.32 -39.39 -16.96
C ASP B 66 -1.58 -39.60 -16.10
N GLU B 67 -1.53 -39.16 -14.83
CA GLU B 67 -2.68 -39.25 -13.92
C GLU B 67 -3.90 -38.50 -14.47
N LEU B 68 -3.67 -37.30 -15.00
CA LEU B 68 -4.74 -36.46 -15.54
C LEU B 68 -5.32 -37.03 -16.83
N ASN B 69 -4.46 -37.57 -17.70
CA ASN B 69 -4.90 -38.21 -18.94
C ASN B 69 -5.67 -39.52 -18.70
N LYS B 70 -5.33 -40.24 -17.65
CA LYS B 70 -6.08 -41.41 -17.22
C LYS B 70 -7.49 -41.03 -16.77
N GLU B 71 -7.63 -39.85 -16.19
CA GLU B 71 -8.92 -39.30 -15.80
C GLU B 71 -9.76 -38.92 -17.03
N ARG B 72 -9.16 -38.12 -17.92
N ARG B 72 -9.16 -38.11 -17.91
CA ARG B 72 -9.78 -37.71 -19.18
CA ARG B 72 -9.78 -37.73 -19.18
C ARG B 72 -8.75 -37.73 -20.31
C ARG B 72 -8.74 -37.74 -20.29
N SER B 73 -9.01 -38.56 -21.31
CA SER B 73 -8.08 -38.73 -22.43
C SER B 73 -7.68 -37.39 -23.08
N ASN B 74 -6.39 -37.27 -23.33
CA ASN B 74 -5.77 -36.11 -24.01
C ASN B 74 -6.17 -34.72 -23.48
N THR B 75 -6.05 -34.58 -22.16
CA THR B 75 -6.38 -33.33 -21.48
C THR B 75 -5.18 -32.73 -20.77
N ALA B 76 -4.03 -33.40 -20.85
CA ALA B 76 -2.81 -32.87 -20.26
C ALA B 76 -1.60 -33.12 -21.15
N VAL B 77 -0.78 -32.10 -21.26
CA VAL B 77 0.53 -32.22 -21.91
C VAL B 77 1.59 -31.60 -21.01
N VAL B 78 2.83 -32.02 -21.25
CA VAL B 78 3.99 -31.56 -20.53
C VAL B 78 4.78 -30.60 -21.45
N CYS B 79 5.44 -29.60 -20.86
CA CYS B 79 6.29 -28.67 -21.60
C CYS B 79 7.49 -28.21 -20.77
N GLN B 80 8.69 -28.59 -21.18
CA GLN B 80 9.89 -28.21 -20.45
C GLN B 80 10.48 -26.90 -20.97
N ALA B 81 10.81 -26.01 -20.04
CA ALA B 81 11.53 -24.78 -20.34
C ALA B 81 12.22 -24.20 -19.12
N ASP B 82 13.46 -23.77 -19.31
CA ASP B 82 14.19 -22.97 -18.32
C ASP B 82 13.69 -21.53 -18.46
N LEU B 83 13.26 -20.94 -17.34
CA LEU B 83 12.72 -19.59 -17.32
C LEU B 83 13.69 -18.56 -16.75
N THR B 84 14.95 -18.95 -16.64
CA THR B 84 16.04 -18.04 -16.34
C THR B 84 16.10 -16.98 -17.44
N ASN B 85 16.36 -15.73 -17.05
CA ASN B 85 16.51 -14.66 -18.05
C ASN B 85 17.71 -14.91 -18.98
N SER B 86 17.47 -14.69 -20.27
CA SER B 86 18.51 -14.77 -21.29
C SER B 86 17.92 -14.19 -22.58
N ASN B 87 18.72 -14.07 -23.63
CA ASN B 87 18.21 -13.56 -24.90
C ASN B 87 17.32 -14.56 -25.66
N VAL B 88 17.32 -15.83 -25.23
CA VAL B 88 16.39 -16.84 -25.78
C VAL B 88 15.11 -17.03 -24.96
N LEU B 89 14.98 -16.30 -23.85
CA LEU B 89 13.80 -16.42 -22.97
C LEU B 89 12.49 -16.07 -23.69
N PRO B 90 12.48 -14.97 -24.48
CA PRO B 90 11.26 -14.66 -25.25
C PRO B 90 10.78 -15.83 -26.11
N ALA B 91 11.71 -16.49 -26.80
CA ALA B 91 11.36 -17.64 -27.63
C ALA B 91 10.85 -18.81 -26.80
N SER B 92 11.50 -19.08 -25.66
CA SER B 92 11.05 -20.14 -24.75
C SER B 92 9.61 -19.92 -24.28
N CYS B 93 9.29 -18.67 -23.92
CA CYS B 93 7.97 -18.33 -23.43
C CYS B 93 6.92 -18.39 -24.54
N GLU B 94 7.29 -17.92 -25.72
CA GLU B 94 6.43 -18.05 -26.90
C GLU B 94 6.10 -19.53 -27.16
N GLU B 95 7.10 -20.40 -27.02
CA GLU B 95 6.91 -21.85 -27.22
C GLU B 95 6.02 -22.51 -26.17
N ILE B 96 6.08 -22.03 -24.93
CA ILE B 96 5.21 -22.55 -23.88
C ILE B 96 3.75 -22.29 -24.26
N ILE B 97 3.45 -21.05 -24.65
CA ILE B 97 2.11 -20.69 -25.10
C ILE B 97 1.73 -21.47 -26.35
N ASN B 98 2.65 -21.56 -27.31
CA ASN B 98 2.44 -22.34 -28.54
CA ASN B 98 2.42 -22.33 -28.53
C ASN B 98 2.06 -23.80 -28.25
N SER B 99 2.67 -24.38 -27.22
CA SER B 99 2.41 -25.77 -26.85
CA SER B 99 2.41 -25.78 -26.85
C SER B 99 0.95 -25.97 -26.44
N CYS B 100 0.36 -24.96 -25.81
CA CYS B 100 -1.05 -25.01 -25.43
C CYS B 100 -1.95 -24.99 -26.68
N PHE B 101 -1.62 -24.13 -27.63
CA PHE B 101 -2.36 -24.06 -28.91
C PHE B 101 -2.17 -25.30 -29.77
N ARG B 102 -0.94 -25.82 -29.81
CA ARG B 102 -0.67 -27.08 -30.54
C ARG B 102 -1.50 -28.23 -29.98
N ALA B 103 -1.55 -28.35 -28.65
CA ALA B 103 -2.23 -29.45 -27.98
C ALA B 103 -3.74 -29.31 -27.99
N PHE B 104 -4.22 -28.10 -27.66
CA PHE B 104 -5.65 -27.92 -27.37
C PHE B 104 -6.36 -26.90 -28.25
N GLY B 105 -5.63 -26.23 -29.12
CA GLY B 105 -6.22 -25.30 -30.09
C GLY B 105 -6.66 -23.97 -29.51
N ARG B 106 -6.38 -23.76 -28.22
CA ARG B 106 -6.73 -22.53 -27.53
C ARG B 106 -5.89 -22.38 -26.26
N CYS B 107 -5.89 -21.18 -25.71
CA CYS B 107 -5.27 -20.92 -24.40
C CYS B 107 -6.06 -19.85 -23.67
N ASP B 108 -6.80 -20.29 -22.65
CA ASP B 108 -7.74 -19.43 -21.94
C ASP B 108 -7.15 -18.82 -20.66
N VAL B 109 -6.30 -19.61 -20.00
CA VAL B 109 -5.76 -19.21 -18.71
C VAL B 109 -4.24 -19.41 -18.69
N LEU B 110 -3.53 -18.43 -18.13
CA LEU B 110 -2.11 -18.52 -17.85
C LEU B 110 -1.87 -18.33 -16.36
N VAL B 111 -1.21 -19.29 -15.73
CA VAL B 111 -0.85 -19.18 -14.32
C VAL B 111 0.66 -19.12 -14.20
N ASN B 112 1.17 -17.96 -13.79
CA ASN B 112 2.60 -17.76 -13.57
C ASN B 112 2.99 -18.17 -12.17
N ASN B 113 3.35 -19.44 -12.05
CA ASN B 113 3.68 -20.07 -10.77
C ASN B 113 5.16 -20.35 -10.55
N ALA B 114 5.85 -20.79 -11.62
CA ALA B 114 7.26 -21.17 -11.56
C ALA B 114 8.09 -20.05 -10.93
N SER B 115 9.04 -20.41 -10.08
CA SER B 115 9.76 -19.42 -9.29
C SER B 115 11.03 -19.95 -8.64
N ALA B 116 12.15 -19.26 -8.87
CA ALA B 116 13.37 -19.50 -8.08
C ALA B 116 13.27 -18.74 -6.78
N PHE B 117 13.77 -19.35 -5.71
CA PHE B 117 13.67 -18.77 -4.37
C PHE B 117 14.89 -19.22 -3.57
N TYR B 118 15.81 -18.29 -3.35
CA TYR B 118 17.00 -18.53 -2.52
C TYR B 118 17.61 -17.19 -2.13
N PRO B 119 18.41 -17.17 -1.04
CA PRO B 119 18.99 -15.90 -0.57
C PRO B 119 20.08 -15.38 -1.50
N THR B 120 20.12 -14.06 -1.66
CA THR B 120 21.20 -13.38 -2.39
C THR B 120 21.70 -12.19 -1.56
N PRO B 121 22.54 -12.47 -0.54
CA PRO B 121 23.02 -11.44 0.37
C PRO B 121 23.75 -10.31 -0.36
N LEU B 122 23.52 -9.08 0.11
CA LEU B 122 24.15 -7.90 -0.47
C LEU B 122 25.63 -7.81 -0.14
N VAL B 123 26.01 -8.33 1.02
CA VAL B 123 27.40 -8.32 1.47
C VAL B 123 27.98 -9.72 1.63
N GLY B 133 27.96 -20.65 -4.89
CA GLY B 133 28.60 -21.09 -6.13
C GLY B 133 28.18 -20.28 -7.34
N LYS B 134 26.96 -19.75 -7.31
CA LYS B 134 26.41 -18.99 -8.44
C LYS B 134 26.96 -17.58 -8.49
N THR B 135 27.29 -17.11 -9.70
CA THR B 135 27.69 -15.73 -9.91
C THR B 135 26.47 -14.83 -9.72
N VAL B 136 26.70 -13.56 -9.40
CA VAL B 136 25.60 -12.64 -9.18
C VAL B 136 24.76 -12.45 -10.45
N GLU B 137 25.40 -12.51 -11.63
CA GLU B 137 24.63 -12.40 -12.88
C GLU B 137 23.68 -13.59 -13.08
N THR B 138 24.10 -14.78 -12.64
CA THR B 138 23.22 -15.97 -12.65
C THR B 138 22.07 -15.82 -11.65
N GLN B 139 22.38 -15.31 -10.46
CA GLN B 139 21.36 -15.06 -9.44
C GLN B 139 20.31 -14.07 -9.96
N VAL B 140 20.78 -12.97 -10.56
CA VAL B 140 19.89 -12.00 -11.17
C VAL B 140 19.02 -12.68 -12.24
N ALA B 141 19.66 -13.40 -13.17
CA ALA B 141 18.96 -14.07 -14.27
C ALA B 141 17.90 -15.06 -13.80
N GLU B 142 18.22 -15.85 -12.78
CA GLU B 142 17.28 -16.84 -12.27
C GLU B 142 16.12 -16.21 -11.49
N LEU B 143 16.45 -15.34 -10.54
CA LEU B 143 15.44 -14.78 -9.64
C LEU B 143 14.53 -13.76 -10.33
N ILE B 144 15.12 -12.87 -11.11
CA ILE B 144 14.32 -11.87 -11.85
C ILE B 144 13.64 -12.50 -13.07
N GLY B 145 14.35 -13.44 -13.71
CA GLY B 145 13.79 -14.18 -14.85
C GLY B 145 12.53 -14.94 -14.50
N THR B 146 12.63 -15.84 -13.52
CA THR B 146 11.49 -16.70 -13.16
C THR B 146 10.33 -15.91 -12.56
N ASN B 147 10.64 -14.99 -11.66
CA ASN B 147 9.61 -14.28 -10.90
C ASN B 147 8.97 -13.09 -11.61
N ALA B 148 9.62 -12.56 -12.64
CA ALA B 148 9.17 -11.33 -13.27
C ALA B 148 9.23 -11.29 -14.80
N ILE B 149 10.41 -11.50 -15.38
CA ILE B 149 10.59 -11.37 -16.83
C ILE B 149 9.83 -12.45 -17.61
N ALA B 150 9.95 -13.70 -17.17
CA ALA B 150 9.21 -14.78 -17.84
C ALA B 150 7.69 -14.58 -17.75
N PRO B 151 7.15 -14.27 -16.55
CA PRO B 151 5.75 -13.85 -16.49
C PRO B 151 5.38 -12.75 -17.50
N PHE B 152 6.24 -11.74 -17.67
CA PHE B 152 6.00 -10.68 -18.66
C PHE B 152 5.94 -11.22 -20.08
N LEU B 153 6.94 -12.03 -20.44
CA LEU B 153 7.02 -12.58 -21.81
C LEU B 153 5.89 -13.57 -22.12
N LEU B 154 5.55 -14.38 -21.13
CA LEU B 154 4.41 -15.30 -21.22
C LEU B 154 3.10 -14.52 -21.40
N THR B 155 2.95 -13.44 -20.63
CA THR B 155 1.81 -12.52 -20.76
C THR B 155 1.74 -11.94 -22.18
N MET B 156 2.87 -11.46 -22.71
CA MET B 156 2.95 -10.96 -24.09
C MET B 156 2.49 -11.99 -25.12
N SER B 157 3.06 -13.20 -25.03
CA SER B 157 2.75 -14.28 -25.96
C SER B 157 1.30 -14.73 -25.83
N PHE B 158 0.80 -14.83 -24.60
CA PHE B 158 -0.60 -15.13 -24.33
C PHE B 158 -1.52 -14.13 -25.02
N ALA B 159 -1.30 -12.85 -24.77
CA ALA B 159 -2.13 -11.78 -25.33
C ALA B 159 -2.06 -11.73 -26.87
N GLN B 160 -0.85 -11.87 -27.41
CA GLN B 160 -0.63 -11.83 -28.85
C GLN B 160 -1.38 -12.93 -29.59
N ARG B 161 -1.45 -14.10 -28.97
CA ARG B 161 -2.09 -15.27 -29.56
C ARG B 161 -3.62 -15.25 -29.52
N GLN B 162 -4.21 -14.32 -28.76
CA GLN B 162 -5.67 -14.19 -28.67
C GLN B 162 -6.21 -13.40 -29.85
N SER B 171 -18.70 -14.99 -23.79
CA SER B 171 -18.63 -16.45 -23.87
C SER B 171 -17.28 -17.01 -23.36
N SER B 172 -16.18 -16.45 -23.87
CA SER B 172 -14.86 -16.84 -23.37
C SER B 172 -14.51 -16.07 -22.09
N ASN B 173 -13.67 -16.67 -21.27
CA ASN B 173 -13.27 -16.10 -19.99
C ASN B 173 -11.75 -16.21 -19.83
N LEU B 174 -11.06 -15.27 -20.46
CA LEU B 174 -9.60 -15.24 -20.54
C LEU B 174 -9.01 -14.53 -19.33
N SER B 175 -8.05 -15.16 -18.68
CA SER B 175 -7.35 -14.49 -17.58
C SER B 175 -5.97 -15.08 -17.23
N ILE B 176 -5.19 -14.25 -16.55
CA ILE B 176 -3.87 -14.61 -16.06
C ILE B 176 -3.89 -14.48 -14.55
N VAL B 177 -3.29 -15.45 -13.86
CA VAL B 177 -3.10 -15.37 -12.42
C VAL B 177 -1.62 -15.47 -12.10
N ASN B 178 -1.09 -14.45 -11.43
CA ASN B 178 0.31 -14.41 -11.05
C ASN B 178 0.48 -14.77 -9.60
N LEU B 179 1.41 -15.68 -9.32
N LEU B 179 1.42 -15.67 -9.32
CA LEU B 179 1.68 -16.06 -7.95
CA LEU B 179 1.69 -16.08 -7.95
C LEU B 179 2.66 -15.11 -7.30
C LEU B 179 2.67 -15.11 -7.29
N CYS B 180 2.11 -14.27 -6.42
CA CYS B 180 2.83 -13.19 -5.79
C CYS B 180 3.26 -13.63 -4.40
N ASP B 181 3.43 -12.67 -3.50
CA ASP B 181 3.94 -12.95 -2.15
C ASP B 181 3.40 -11.89 -1.21
N ALA B 182 2.67 -12.33 -0.18
CA ALA B 182 1.99 -11.41 0.73
C ALA B 182 2.98 -10.65 1.62
N MET B 183 4.22 -11.13 1.67
CA MET B 183 5.22 -10.60 2.60
C MET B 183 6.23 -9.69 1.94
N VAL B 184 5.90 -9.23 0.74
CA VAL B 184 6.83 -8.47 -0.09
C VAL B 184 7.27 -7.13 0.57
N ASP B 185 6.42 -6.58 1.44
CA ASP B 185 6.76 -5.34 2.16
C ASP B 185 7.45 -5.64 3.49
N GLN B 186 7.51 -6.91 3.86
CA GLN B 186 8.18 -7.33 5.08
C GLN B 186 9.08 -8.51 4.72
N PRO B 187 10.08 -8.26 3.86
CA PRO B 187 10.75 -9.36 3.17
C PRO B 187 11.64 -10.21 4.07
N CYS B 188 11.90 -11.44 3.64
CA CYS B 188 12.89 -12.32 4.29
C CYS B 188 14.28 -11.68 4.17
N MET B 189 15.04 -11.71 5.25
CA MET B 189 16.40 -11.17 5.30
C MET B 189 17.29 -11.79 4.21
N ALA B 190 17.97 -10.93 3.44
CA ALA B 190 18.93 -11.36 2.40
C ALA B 190 18.29 -11.99 1.16
N PHE B 191 17.01 -11.69 0.92
CA PHE B 191 16.31 -12.17 -0.26
C PHE B 191 15.96 -11.01 -1.21
N SER B 192 16.89 -10.07 -1.41
CA SER B 192 16.62 -8.87 -2.20
CA SER B 192 16.64 -8.87 -2.21
C SER B 192 16.16 -9.17 -3.63
N LEU B 193 16.89 -10.02 -4.34
CA LEU B 193 16.54 -10.29 -5.75
C LEU B 193 15.18 -10.99 -5.89
N TYR B 194 14.95 -11.98 -5.05
CA TYR B 194 13.64 -12.61 -4.96
C TYR B 194 12.54 -11.56 -4.72
N ASN B 195 12.75 -10.71 -3.72
CA ASN B 195 11.78 -9.67 -3.36
C ASN B 195 11.54 -8.66 -4.49
N MET B 196 12.61 -8.26 -5.16
CA MET B 196 12.55 -7.39 -6.33
C MET B 196 11.70 -8.03 -7.44
N GLY B 197 11.93 -9.32 -7.67
CA GLY B 197 11.16 -10.10 -8.64
C GLY B 197 9.67 -10.12 -8.33
N LYS B 198 9.33 -10.44 -7.08
CA LYS B 198 7.93 -10.45 -6.67
C LYS B 198 7.26 -9.06 -6.74
N HIS B 199 8.01 -8.00 -6.41
CA HIS B 199 7.50 -6.63 -6.56
C HIS B 199 7.23 -6.31 -8.02
N ALA B 200 8.15 -6.70 -8.89
CA ALA B 200 7.98 -6.49 -10.33
C ALA B 200 6.73 -7.23 -10.82
N LEU B 201 6.48 -8.40 -10.24
CA LEU B 201 5.30 -9.21 -10.57
C LEU B 201 4.00 -8.47 -10.21
N VAL B 202 4.01 -7.74 -9.09
CA VAL B 202 2.89 -6.86 -8.75
C VAL B 202 2.69 -5.81 -9.83
N GLY B 203 3.78 -5.14 -10.23
CA GLY B 203 3.73 -4.12 -11.27
C GLY B 203 3.23 -4.67 -12.59
N LEU B 204 3.66 -5.88 -12.93
CA LEU B 204 3.16 -6.55 -14.13
C LEU B 204 1.66 -6.86 -14.02
N THR B 205 1.23 -7.37 -12.87
CA THR B 205 -0.19 -7.66 -12.66
C THR B 205 -1.04 -6.40 -12.91
N GLN B 206 -0.61 -5.26 -12.36
CA GLN B 206 -1.33 -3.99 -12.52
C GLN B 206 -1.28 -3.46 -13.96
N SER B 207 -0.07 -3.37 -14.52
CA SER B 207 0.14 -2.90 -15.88
C SER B 207 -0.61 -3.69 -16.94
N ALA B 208 -0.51 -5.01 -16.85
CA ALA B 208 -1.19 -5.90 -17.79
C ALA B 208 -2.71 -5.87 -17.62
N ALA B 209 -3.18 -5.78 -16.37
CA ALA B 209 -4.62 -5.65 -16.13
C ALA B 209 -5.17 -4.43 -16.87
N LEU B 210 -4.50 -3.29 -16.69
CA LEU B 210 -4.87 -2.03 -17.35
C LEU B 210 -4.89 -2.17 -18.87
N GLU B 211 -3.81 -2.71 -19.42
CA GLU B 211 -3.58 -2.78 -20.86
C GLU B 211 -4.38 -3.88 -21.56
N LEU B 212 -4.61 -5.00 -20.89
CA LEU B 212 -5.29 -6.12 -21.53
C LEU B 212 -6.80 -6.14 -21.31
N ALA B 213 -7.28 -5.26 -20.42
CA ALA B 213 -8.71 -5.09 -20.18
C ALA B 213 -9.55 -4.91 -21.46
N PRO B 214 -9.08 -4.06 -22.41
CA PRO B 214 -9.77 -3.91 -23.71
C PRO B 214 -9.96 -5.22 -24.48
N TYR B 215 -9.09 -6.19 -24.24
CA TYR B 215 -9.16 -7.50 -24.91
C TYR B 215 -9.98 -8.53 -24.12
N GLY B 216 -10.53 -8.12 -22.99
CA GLY B 216 -11.29 -9.03 -22.13
C GLY B 216 -10.42 -9.98 -21.34
N ILE B 217 -9.12 -9.69 -21.27
CA ILE B 217 -8.19 -10.50 -20.51
C ILE B 217 -8.01 -9.88 -19.12
N ARG B 218 -8.44 -10.60 -18.09
CA ARG B 218 -8.26 -10.14 -16.72
C ARG B 218 -6.90 -10.61 -16.21
N VAL B 219 -6.29 -9.82 -15.34
CA VAL B 219 -4.97 -10.14 -14.82
C VAL B 219 -4.97 -9.93 -13.31
N ASN B 220 -4.77 -11.01 -12.57
CA ASN B 220 -4.87 -10.96 -11.12
C ASN B 220 -3.74 -11.71 -10.46
N GLY B 221 -3.68 -11.65 -9.14
CA GLY B 221 -2.65 -12.35 -8.40
C GLY B 221 -3.18 -13.06 -7.18
N VAL B 222 -2.43 -14.07 -6.76
CA VAL B 222 -2.69 -14.75 -5.49
C VAL B 222 -1.39 -14.68 -4.72
N ALA B 223 -1.45 -14.19 -3.49
CA ALA B 223 -0.25 -13.98 -2.71
C ALA B 223 -0.23 -14.79 -1.41
N PRO B 224 0.43 -15.97 -1.41
CA PRO B 224 0.64 -16.69 -0.16
C PRO B 224 1.58 -15.90 0.75
N GLY B 225 1.54 -16.12 2.06
CA GLY B 225 2.59 -15.58 2.95
C GLY B 225 3.78 -16.53 2.97
N VAL B 226 4.60 -16.46 4.00
CA VAL B 226 5.57 -17.54 4.25
C VAL B 226 4.71 -18.69 4.81
N SER B 227 3.98 -19.32 3.89
CA SER B 227 2.76 -20.06 4.19
C SER B 227 2.78 -21.54 3.84
N LEU B 228 3.60 -21.94 2.87
CA LEU B 228 3.84 -23.37 2.63
C LEU B 228 5.35 -23.57 2.51
N LEU B 229 5.95 -24.00 3.62
CA LEU B 229 7.39 -24.01 3.77
C LEU B 229 8.09 -25.03 2.88
N PRO B 230 9.34 -24.75 2.47
CA PRO B 230 10.12 -25.66 1.64
C PRO B 230 10.21 -27.07 2.24
N VAL B 231 10.05 -28.08 1.39
CA VAL B 231 10.02 -29.49 1.82
C VAL B 231 11.29 -29.96 2.56
N ALA B 232 12.43 -29.33 2.26
CA ALA B 232 13.72 -29.66 2.89
C ALA B 232 13.80 -29.25 4.37
N MET B 233 13.12 -28.16 4.71
CA MET B 233 13.22 -27.51 6.03
C MET B 233 12.84 -28.43 7.19
N GLY B 234 13.60 -28.38 8.28
CA GLY B 234 13.30 -29.17 9.49
C GLY B 234 11.97 -28.74 10.11
N GLU B 235 11.26 -29.69 10.72
CA GLU B 235 9.98 -29.41 11.37
C GLU B 235 10.08 -28.29 12.40
N GLU B 236 11.18 -28.29 13.16
CA GLU B 236 11.39 -27.29 14.21
C GLU B 236 11.52 -25.87 13.64
N GLU B 237 12.11 -25.77 12.45
CA GLU B 237 12.27 -24.51 11.75
C GLU B 237 10.93 -24.08 11.16
N LYS B 238 10.21 -25.06 10.58
CA LYS B 238 8.84 -24.89 10.13
C LYS B 238 7.93 -24.37 11.27
N ASP B 239 8.14 -24.89 12.48
CA ASP B 239 7.37 -24.49 13.67
C ASP B 239 7.49 -23.02 14.06
N LYS B 240 8.67 -22.44 13.79
CA LYS B 240 8.91 -21.03 14.08
C LYS B 240 7.98 -20.16 13.25
N TRP B 241 7.77 -20.54 12.00
CA TRP B 241 6.85 -19.85 11.09
C TRP B 241 5.38 -20.15 11.38
N ARG B 242 5.07 -21.42 11.62
CA ARG B 242 3.70 -21.84 11.91
C ARG B 242 3.15 -21.11 13.11
N ARG B 243 3.90 -21.10 14.21
CA ARG B 243 3.51 -20.40 15.43
C ARG B 243 3.13 -18.93 15.22
N LYS B 244 3.65 -18.32 14.16
CA LYS B 244 3.41 -16.91 13.84
C LYS B 244 2.10 -16.68 13.08
N VAL B 245 1.59 -17.72 12.43
CA VAL B 245 0.35 -17.60 11.66
C VAL B 245 -0.85 -17.48 12.61
N PRO B 246 -1.53 -16.31 12.61
CA PRO B 246 -2.67 -16.11 13.52
C PRO B 246 -3.80 -17.11 13.32
N LEU B 247 -4.13 -17.40 12.07
CA LEU B 247 -5.23 -18.30 11.74
C LEU B 247 -4.80 -19.78 11.74
N GLY B 248 -4.80 -20.38 12.92
CA GLY B 248 -4.57 -21.81 13.06
C GLY B 248 -3.15 -22.25 13.34
N ARG B 249 -2.21 -21.30 13.39
CA ARG B 249 -0.80 -21.60 13.69
C ARG B 249 -0.26 -22.71 12.79
N ARG B 250 -0.55 -22.59 11.50
CA ARG B 250 -0.24 -23.62 10.52
C ARG B 250 -0.08 -23.02 9.15
N GLU B 251 0.63 -23.75 8.30
CA GLU B 251 0.83 -23.36 6.93
CA GLU B 251 0.85 -23.41 6.91
C GLU B 251 -0.43 -23.61 6.09
N ALA B 252 -0.54 -22.93 4.96
CA ALA B 252 -1.60 -23.21 3.99
C ALA B 252 -1.27 -24.53 3.30
N SER B 253 -2.31 -25.28 2.95
CA SER B 253 -2.14 -26.37 1.99
C SER B 253 -1.99 -25.75 0.60
N ALA B 254 -1.37 -26.50 -0.30
CA ALA B 254 -1.28 -26.10 -1.69
C ALA B 254 -2.68 -25.93 -2.27
N GLU B 255 -3.61 -26.77 -1.81
CA GLU B 255 -5.00 -26.74 -2.28
C GLU B 255 -5.72 -25.44 -1.94
N GLN B 256 -5.46 -24.92 -0.73
CA GLN B 256 -6.02 -23.64 -0.30
C GLN B 256 -5.54 -22.47 -1.17
N ILE B 257 -4.26 -22.50 -1.54
CA ILE B 257 -3.71 -21.52 -2.49
C ILE B 257 -4.40 -21.67 -3.84
N ALA B 258 -4.52 -22.92 -4.32
CA ALA B 258 -5.18 -23.21 -5.59
C ALA B 258 -6.64 -22.76 -5.62
N ASP B 259 -7.33 -22.86 -4.47
CA ASP B 259 -8.73 -22.39 -4.34
C ASP B 259 -8.90 -20.93 -4.77
N ALA B 260 -7.97 -20.07 -4.35
CA ALA B 260 -8.02 -18.64 -4.70
C ALA B 260 -7.75 -18.43 -6.19
N VAL B 261 -6.88 -19.26 -6.77
CA VAL B 261 -6.60 -19.21 -8.21
C VAL B 261 -7.85 -19.58 -8.99
N ILE B 262 -8.52 -20.66 -8.60
CA ILE B 262 -9.71 -21.06 -9.33
CA ILE B 262 -9.77 -21.12 -9.24
C ILE B 262 -10.85 -20.03 -9.19
N PHE B 263 -10.95 -19.36 -8.05
CA PHE B 263 -11.93 -18.26 -7.93
C PHE B 263 -11.66 -17.19 -8.97
N LEU B 264 -10.42 -16.73 -9.04
CA LEU B 264 -10.02 -15.67 -9.96
C LEU B 264 -10.20 -16.02 -11.44
N VAL B 265 -10.03 -17.30 -11.80
CA VAL B 265 -10.25 -17.72 -13.19
C VAL B 265 -11.75 -17.92 -13.49
N SER B 266 -12.54 -18.15 -12.45
CA SER B 266 -13.97 -18.47 -12.58
C SER B 266 -14.86 -17.30 -13.02
N GLY B 267 -16.08 -17.63 -13.45
CA GLY B 267 -17.11 -16.63 -13.76
C GLY B 267 -17.57 -15.81 -12.57
N SER B 268 -17.20 -16.23 -11.36
CA SER B 268 -17.52 -15.47 -10.15
C SER B 268 -16.59 -14.28 -9.95
N ALA B 269 -15.60 -14.13 -10.82
CA ALA B 269 -14.61 -13.05 -10.73
C ALA B 269 -14.53 -12.23 -12.01
N GLN B 270 -15.61 -12.22 -12.78
CA GLN B 270 -15.65 -11.57 -14.12
C GLN B 270 -15.39 -10.07 -14.14
N TYR B 271 -15.56 -9.39 -13.01
CA TYR B 271 -15.32 -7.94 -12.91
C TYR B 271 -13.99 -7.65 -12.22
N ILE B 272 -13.31 -8.71 -11.80
CA ILE B 272 -12.09 -8.56 -11.02
C ILE B 272 -10.87 -8.57 -11.95
N THR B 273 -10.14 -7.46 -11.96
CA THR B 273 -8.85 -7.40 -12.64
C THR B 273 -7.92 -6.44 -11.90
N GLY B 274 -6.63 -6.78 -11.86
CA GLY B 274 -5.65 -5.96 -11.15
C GLY B 274 -5.69 -6.17 -9.65
N SER B 275 -6.35 -7.25 -9.20
CA SER B 275 -6.46 -7.54 -7.78
C SER B 275 -5.50 -8.64 -7.37
N ILE B 276 -4.92 -8.51 -6.18
CA ILE B 276 -4.08 -9.55 -5.62
C ILE B 276 -4.71 -10.01 -4.29
N ILE B 277 -5.09 -11.28 -4.24
CA ILE B 277 -5.70 -11.88 -3.07
C ILE B 277 -4.63 -12.50 -2.17
N LYS B 278 -4.49 -11.96 -0.96
CA LYS B 278 -3.61 -12.56 0.04
C LYS B 278 -4.25 -13.83 0.55
N VAL B 279 -3.47 -14.90 0.66
CA VAL B 279 -3.93 -16.16 1.25
C VAL B 279 -2.86 -16.55 2.26
N ASP B 280 -2.91 -15.93 3.43
CA ASP B 280 -1.76 -15.98 4.33
C ASP B 280 -2.12 -16.22 5.81
N GLY B 281 -3.40 -16.45 6.07
CA GLY B 281 -3.86 -16.73 7.43
C GLY B 281 -3.54 -15.63 8.44
N GLY B 282 -3.39 -14.41 7.94
CA GLY B 282 -3.09 -13.25 8.76
C GLY B 282 -1.63 -12.98 9.03
N LEU B 283 -0.73 -13.78 8.43
CA LEU B 283 0.69 -13.66 8.71
C LEU B 283 1.28 -12.25 8.47
N SER B 284 0.90 -11.62 7.37
CA SER B 284 1.42 -10.28 7.02
C SER B 284 0.93 -9.17 7.98
N LEU B 285 -0.06 -9.49 8.81
CA LEU B 285 -0.63 -8.53 9.78
C LEU B 285 0.15 -8.49 11.09
N VAL B 286 1.06 -9.44 11.25
CA VAL B 286 1.79 -9.63 12.52
C VAL B 286 3.05 -8.79 12.53
N HIS B 287 3.15 -7.87 13.49
CA HIS B 287 4.36 -7.05 13.66
C HIS B 287 5.53 -7.86 14.22
N ALA B 288 6.74 -7.31 14.08
CA ALA B 288 7.97 -7.95 14.55
C ALA B 288 7.91 -8.26 16.03
N GLU C 22 7.03 39.59 9.44
CA GLU C 22 6.21 38.96 10.51
C GLU C 22 6.45 37.45 10.59
N ALA C 23 6.60 36.94 11.81
CA ALA C 23 6.84 35.51 12.02
C ALA C 23 5.58 34.67 11.76
N PRO C 24 5.74 33.49 11.13
CA PRO C 24 4.60 32.61 10.94
C PRO C 24 4.16 31.99 12.28
N ALA C 25 2.95 31.43 12.33
CA ALA C 25 2.41 30.85 13.56
C ALA C 25 1.95 29.41 13.35
N ALA C 26 2.14 28.58 14.37
CA ALA C 26 1.78 27.17 14.28
C ALA C 26 0.96 26.71 15.48
N VAL C 27 -0.03 25.87 15.21
CA VAL C 27 -0.74 25.16 16.26
C VAL C 27 -0.20 23.74 16.36
N VAL C 28 0.22 23.35 17.56
CA VAL C 28 0.61 21.97 17.83
C VAL C 28 -0.29 21.40 18.92
N THR C 29 -1.06 20.37 18.58
CA THR C 29 -1.94 19.75 19.57
C THR C 29 -1.15 18.74 20.42
N GLY C 30 -1.54 18.59 21.69
CA GLY C 30 -0.84 17.73 22.64
C GLY C 30 0.65 18.03 22.72
N ALA C 31 0.97 19.32 22.83
CA ALA C 31 2.36 19.80 22.73
C ALA C 31 3.12 19.92 24.05
N ALA C 32 2.51 19.54 25.17
CA ALA C 32 3.14 19.73 26.49
C ALA C 32 4.32 18.78 26.75
N LYS C 33 4.29 17.61 26.11
CA LYS C 33 5.24 16.52 26.38
C LYS C 33 5.74 15.81 25.13
N ARG C 34 6.84 15.08 25.28
CA ARG C 34 7.29 14.10 24.28
C ARG C 34 7.40 14.63 22.85
N ILE C 35 6.77 13.94 21.90
CA ILE C 35 6.89 14.29 20.46
C ILE C 35 6.30 15.68 20.15
N GLY C 36 5.11 15.95 20.69
CA GLY C 36 4.46 17.26 20.55
C GLY C 36 5.34 18.39 21.05
N ARG C 37 5.95 18.19 22.20
CA ARG C 37 6.87 19.19 22.75
C ARG C 37 8.08 19.42 21.83
N ALA C 38 8.67 18.34 21.33
CA ALA C 38 9.83 18.44 20.44
C ALA C 38 9.46 19.20 19.17
N ILE C 39 8.26 18.93 18.65
CA ILE C 39 7.75 19.61 17.46
C ILE C 39 7.59 21.12 17.71
N ALA C 40 6.91 21.46 18.81
CA ALA C 40 6.72 22.86 19.23
C ALA C 40 8.05 23.59 19.34
N VAL C 41 9.00 22.97 20.06
CA VAL C 41 10.35 23.51 20.25
C VAL C 41 11.09 23.75 18.94
N LYS C 42 11.11 22.75 18.07
CA LYS C 42 11.78 22.87 16.77
C LYS C 42 11.14 23.90 15.85
N LEU C 43 9.81 23.95 15.81
CA LEU C 43 9.12 25.02 15.09
C LEU C 43 9.52 26.40 15.64
N HIS C 44 9.52 26.54 16.97
CA HIS C 44 9.92 27.79 17.63
C HIS C 44 11.36 28.18 17.29
N GLN C 45 12.27 27.20 17.32
CA GLN C 45 13.68 27.44 16.96
C GLN C 45 13.84 27.88 15.51
N THR C 46 12.91 27.45 14.67
CA THR C 46 12.89 27.79 13.24
C THR C 46 12.33 29.20 13.00
N GLY C 47 11.69 29.77 14.02
CA GLY C 47 11.16 31.14 13.95
C GLY C 47 9.65 31.26 14.05
N TYR C 48 8.98 30.12 14.27
CA TYR C 48 7.52 30.12 14.45
C TYR C 48 7.11 30.60 15.83
N ARG C 49 5.99 31.32 15.87
CA ARG C 49 5.24 31.53 17.09
C ARG C 49 4.32 30.31 17.23
N VAL C 50 4.13 29.83 18.46
CA VAL C 50 3.44 28.55 18.67
C VAL C 50 2.28 28.61 19.66
N VAL C 51 1.19 27.94 19.30
CA VAL C 51 0.14 27.63 20.25
C VAL C 51 0.38 26.22 20.76
N ILE C 52 0.55 26.13 22.07
CA ILE C 52 0.78 24.87 22.75
C ILE C 52 -0.56 24.39 23.27
N HIS C 53 -1.18 23.48 22.53
CA HIS C 53 -2.41 22.86 23.02
C HIS C 53 -2.06 21.73 23.97
N TYR C 54 -2.88 21.59 25.02
CA TYR C 54 -2.74 20.47 25.95
C TYR C 54 -4.13 20.06 26.45
N HIS C 55 -4.17 18.92 27.13
CA HIS C 55 -5.41 18.44 27.75
C HIS C 55 -5.27 18.46 29.27
N ASN C 56 -4.52 17.51 29.82
CA ASN C 56 -4.33 17.42 31.28
C ASN C 56 -3.01 17.99 31.77
N SER C 57 -2.03 18.13 30.87
CA SER C 57 -0.68 18.50 31.29
C SER C 57 -0.49 20.03 31.36
N ALA C 58 -1.26 20.67 32.24
CA ALA C 58 -1.23 22.13 32.40
C ALA C 58 0.13 22.67 32.83
N GLU C 59 0.72 22.05 33.85
CA GLU C 59 2.02 22.48 34.36
C GLU C 59 3.10 22.39 33.27
N ALA C 60 3.16 21.26 32.58
CA ALA C 60 4.13 21.07 31.50
C ALA C 60 3.93 22.07 30.38
N ALA C 61 2.68 22.29 29.98
CA ALA C 61 2.35 23.23 28.91
C ALA C 61 2.78 24.66 29.25
N VAL C 62 2.43 25.11 30.45
CA VAL C 62 2.77 26.47 30.91
C VAL C 62 4.28 26.63 31.01
N SER C 63 4.95 25.60 31.52
CA SER C 63 6.41 25.59 31.67
C SER C 63 7.12 25.71 30.31
N LEU C 64 6.62 24.99 29.31
CA LEU C 64 7.13 25.11 27.93
C LEU C 64 6.91 26.51 27.37
N ALA C 65 5.69 27.03 27.49
CA ALA C 65 5.36 28.39 27.04
C ALA C 65 6.32 29.41 27.66
N ASP C 66 6.53 29.29 28.97
CA ASP C 66 7.46 30.15 29.71
C ASP C 66 8.86 30.10 29.10
N GLU C 67 9.36 28.88 28.88
CA GLU C 67 10.68 28.64 28.32
C GLU C 67 10.83 29.31 26.94
N LEU C 68 9.82 29.15 26.09
CA LEU C 68 9.85 29.70 24.75
C LEU C 68 9.71 31.23 24.72
N ASN C 69 8.88 31.78 25.61
CA ASN C 69 8.73 33.23 25.73
C ASN C 69 9.97 33.92 26.30
N LYS C 70 10.68 33.21 27.18
CA LYS C 70 11.98 33.66 27.71
C LYS C 70 12.97 33.82 26.58
N GLU C 71 12.86 32.95 25.58
CA GLU C 71 13.74 32.95 24.41
C GLU C 71 13.41 34.12 23.48
N ARG C 72 12.14 34.23 23.08
CA ARG C 72 11.66 35.38 22.31
C ARG C 72 10.29 35.78 22.85
N SER C 73 10.18 37.01 23.35
CA SER C 73 8.95 37.52 23.97
C SER C 73 7.72 37.37 23.08
N ASN C 74 6.61 36.93 23.68
CA ASN C 74 5.32 36.89 23.00
C ASN C 74 5.28 35.95 21.80
N THR C 75 5.92 34.79 21.91
CA THR C 75 5.94 33.85 20.79
C THR C 75 5.31 32.51 21.12
N ALA C 76 4.80 32.37 22.34
CA ALA C 76 4.15 31.13 22.75
C ALA C 76 2.93 31.41 23.62
N VAL C 77 1.85 30.71 23.31
CA VAL C 77 0.66 30.70 24.15
C VAL C 77 0.20 29.26 24.39
N VAL C 78 -0.62 29.09 25.41
CA VAL C 78 -1.17 27.81 25.78
C VAL C 78 -2.66 27.80 25.45
N CYS C 79 -3.20 26.61 25.13
CA CYS C 79 -4.63 26.44 24.89
CA CYS C 79 -4.64 26.47 24.98
C CYS C 79 -5.11 25.06 25.34
N GLN C 80 -6.05 25.01 26.28
CA GLN C 80 -6.54 23.75 26.79
C GLN C 80 -7.80 23.32 26.06
N ALA C 81 -7.83 22.04 25.68
CA ALA C 81 -9.03 21.44 25.07
C ALA C 81 -9.02 19.91 25.13
N ASP C 82 -10.14 19.35 25.55
CA ASP C 82 -10.40 17.91 25.40
C ASP C 82 -10.78 17.65 23.94
N LEU C 83 -10.10 16.70 23.32
CA LEU C 83 -10.31 16.37 21.90
C LEU C 83 -11.08 15.07 21.70
N THR C 84 -11.67 14.55 22.79
CA THR C 84 -12.61 13.45 22.76
C THR C 84 -13.78 13.84 21.86
N ASN C 85 -14.28 12.89 21.07
CA ASN C 85 -15.45 13.16 20.24
C ASN C 85 -16.68 13.47 21.09
N SER C 86 -17.43 14.49 20.65
CA SER C 86 -18.71 14.89 21.27
C SER C 86 -19.34 15.92 20.35
N ASN C 87 -20.56 16.34 20.67
CA ASN C 87 -21.23 17.37 19.88
C ASN C 87 -20.64 18.79 20.06
N VAL C 88 -19.81 18.96 21.10
CA VAL C 88 -19.06 20.22 21.32
C VAL C 88 -17.62 20.20 20.75
N LEU C 89 -17.19 19.08 20.15
CA LEU C 89 -15.84 19.00 19.58
C LEU C 89 -15.60 20.00 18.44
N PRO C 90 -16.57 20.16 17.51
CA PRO C 90 -16.36 21.17 16.47
C PRO C 90 -16.06 22.57 17.01
N ALA C 91 -16.80 22.98 18.05
CA ALA C 91 -16.58 24.28 18.68
C ALA C 91 -15.20 24.35 19.37
N SER C 92 -14.81 23.28 20.05
CA SER C 92 -13.49 23.21 20.71
C SER C 92 -12.35 23.36 19.71
N CYS C 93 -12.49 22.71 18.55
CA CYS C 93 -11.46 22.77 17.50
C CYS C 93 -11.40 24.12 16.83
N GLU C 94 -12.56 24.72 16.60
CA GLU C 94 -12.66 26.08 16.09
C GLU C 94 -11.93 27.04 17.04
N GLU C 95 -12.11 26.85 18.34
CA GLU C 95 -11.48 27.73 19.34
C GLU C 95 -9.96 27.56 19.43
N ILE C 96 -9.47 26.34 19.21
CA ILE C 96 -8.03 26.08 19.17
C ILE C 96 -7.40 26.91 18.04
N ILE C 97 -7.99 26.83 16.85
CA ILE C 97 -7.51 27.62 15.71
C ILE C 97 -7.67 29.13 15.98
N ASN C 98 -8.82 29.53 16.51
CA ASN C 98 -9.08 30.92 16.87
CA ASN C 98 -9.09 30.92 16.88
C ASN C 98 -8.04 31.48 17.84
N SER C 99 -7.55 30.63 18.75
CA SER C 99 -6.54 31.05 19.72
C SER C 99 -5.23 31.46 19.05
N CYS C 100 -4.89 30.80 17.94
CA CYS C 100 -3.72 31.18 17.15
C CYS C 100 -3.92 32.56 16.52
N PHE C 101 -5.07 32.79 15.93
CA PHE C 101 -5.37 34.08 15.31
C PHE C 101 -5.47 35.21 16.35
N ARG C 102 -6.08 34.91 17.50
CA ARG C 102 -6.18 35.88 18.60
C ARG C 102 -4.79 36.30 19.11
N ALA C 103 -3.90 35.33 19.25
CA ALA C 103 -2.56 35.59 19.80
C ALA C 103 -1.62 36.20 18.76
N PHE C 104 -1.63 35.65 17.54
CA PHE C 104 -0.59 35.96 16.55
C PHE C 104 -1.08 36.58 15.25
N GLY C 105 -2.39 36.63 15.08
CA GLY C 105 -3.00 37.27 13.91
C GLY C 105 -2.95 36.44 12.63
N ARG C 106 -2.48 35.22 12.74
CA ARG C 106 -2.35 34.31 11.61
C ARG C 106 -2.17 32.88 12.10
N CYS C 107 -2.35 31.93 11.19
CA CYS C 107 -2.13 30.51 11.50
C CYS C 107 -1.64 29.82 10.24
N ASP C 108 -0.35 29.47 10.23
CA ASP C 108 0.31 28.97 9.02
C ASP C 108 0.43 27.47 8.98
N VAL C 109 0.61 26.88 10.16
CA VAL C 109 0.86 25.46 10.28
C VAL C 109 -0.04 24.87 11.37
N LEU C 110 -0.63 23.72 11.06
CA LEU C 110 -1.32 22.90 12.04
C LEU C 110 -0.66 21.54 12.14
N VAL C 111 -0.29 21.15 13.36
CA VAL C 111 0.29 19.83 13.61
C VAL C 111 -0.69 19.04 14.49
N ASN C 112 -1.27 17.99 13.91
CA ASN C 112 -2.18 17.10 14.61
C ASN C 112 -1.42 15.97 15.28
N ASN C 113 -1.01 16.25 16.53
CA ASN C 113 -0.18 15.36 17.32
C ASN C 113 -0.91 14.66 18.47
N ALA C 114 -1.82 15.39 19.14
CA ALA C 114 -2.55 14.85 20.30
C ALA C 114 -3.22 13.52 19.96
N SER C 115 -3.15 12.56 20.88
CA SER C 115 -3.60 11.20 20.61
C SER C 115 -3.81 10.37 21.86
N ALA C 116 -4.99 9.77 21.97
CA ALA C 116 -5.23 8.72 22.97
C ALA C 116 -4.71 7.40 22.42
N PHE C 117 -4.11 6.60 23.28
CA PHE C 117 -3.49 5.34 22.89
C PHE C 117 -3.58 4.33 24.02
N TYR C 118 -4.47 3.35 23.86
CA TYR C 118 -4.63 2.25 24.82
C TYR C 118 -5.41 1.10 24.20
N PRO C 119 -5.30 -0.12 24.76
CA PRO C 119 -5.98 -1.27 24.15
C PRO C 119 -7.49 -1.21 24.31
N THR C 120 -8.20 -1.70 23.30
CA THR C 120 -9.65 -1.82 23.33
C THR C 120 -10.02 -3.21 22.78
N PRO C 121 -9.83 -4.27 23.60
CA PRO C 121 -10.07 -5.64 23.13
C PRO C 121 -11.48 -5.86 22.61
N LEU C 122 -11.60 -6.65 21.54
CA LEU C 122 -12.89 -6.94 20.94
C LEU C 122 -13.72 -7.91 21.82
N VAL C 123 -13.05 -8.77 22.56
CA VAL C 123 -13.72 -9.71 23.47
C VAL C 123 -13.34 -9.45 24.92
N GLY C 133 -12.37 0.22 33.02
CA GLY C 133 -13.35 1.10 33.64
C GLY C 133 -14.18 1.90 32.64
N LYS C 134 -13.59 2.19 31.49
CA LYS C 134 -14.25 3.01 30.47
C LYS C 134 -15.27 2.21 29.67
N THR C 135 -16.42 2.84 29.42
CA THR C 135 -17.44 2.27 28.53
C THR C 135 -16.90 2.24 27.10
N VAL C 136 -17.44 1.34 26.28
CA VAL C 136 -17.00 1.26 24.89
C VAL C 136 -17.29 2.56 24.13
N GLU C 137 -18.38 3.24 24.46
CA GLU C 137 -18.68 4.51 23.80
C GLU C 137 -17.65 5.59 24.13
N THR C 138 -17.11 5.56 25.35
CA THR C 138 -16.03 6.46 25.77
C THR C 138 -14.74 6.12 25.04
N GLN C 139 -14.43 4.82 24.96
CA GLN C 139 -13.28 4.32 24.19
C GLN C 139 -13.34 4.81 22.74
N VAL C 140 -14.50 4.61 22.11
CA VAL C 140 -14.72 5.11 20.75
C VAL C 140 -14.49 6.62 20.67
N ALA C 141 -15.12 7.38 21.57
CA ALA C 141 -15.05 8.84 21.57
C ALA C 141 -13.62 9.35 21.72
N GLU C 142 -12.87 8.76 22.65
CA GLU C 142 -11.49 9.15 22.91
C GLU C 142 -10.54 8.78 21.76
N LEU C 143 -10.57 7.53 21.35
CA LEU C 143 -9.60 7.03 20.36
C LEU C 143 -9.87 7.54 18.95
N ILE C 144 -11.12 7.51 18.53
CA ILE C 144 -11.51 8.02 17.21
C ILE C 144 -11.54 9.57 17.19
N GLY C 145 -11.96 10.17 18.30
CA GLY C 145 -11.96 11.62 18.45
C GLY C 145 -10.57 12.24 18.35
N THR C 146 -9.64 11.77 19.19
CA THR C 146 -8.29 12.36 19.21
C THR C 146 -7.50 12.06 17.94
N ASN C 147 -7.58 10.83 17.46
CA ASN C 147 -6.75 10.39 16.33
C ASN C 147 -7.29 10.75 14.95
N ALA C 148 -8.58 11.06 14.84
CA ALA C 148 -9.20 11.26 13.52
C ALA C 148 -10.20 12.41 13.42
N ILE C 149 -11.22 12.41 14.26
CA ILE C 149 -12.28 13.42 14.15
C ILE C 149 -11.76 14.84 14.46
N ALA C 150 -11.02 14.98 15.55
CA ALA C 150 -10.46 16.28 15.91
C ALA C 150 -9.49 16.79 14.83
N PRO C 151 -8.56 15.93 14.34
CA PRO C 151 -7.79 16.33 13.17
C PRO C 151 -8.65 16.86 12.02
N PHE C 152 -9.77 16.19 11.72
CA PHE C 152 -10.64 16.63 10.65
C PHE C 152 -11.25 18.01 10.95
N LEU C 153 -11.76 18.19 12.16
CA LEU C 153 -12.43 19.46 12.54
C LEU C 153 -11.43 20.63 12.60
N LEU C 154 -10.24 20.35 13.14
CA LEU C 154 -9.14 21.32 13.15
C LEU C 154 -8.70 21.70 11.73
N THR C 155 -8.63 20.69 10.85
CA THR C 155 -8.35 20.91 9.43
C THR C 155 -9.41 21.83 8.79
N MET C 156 -10.69 21.54 9.04
CA MET C 156 -11.80 22.38 8.58
C MET C 156 -11.65 23.83 9.04
N SER C 157 -11.48 24.02 10.35
CA SER C 157 -11.35 25.37 10.94
C SER C 157 -10.10 26.11 10.41
N PHE C 158 -8.98 25.38 10.30
CA PHE C 158 -7.75 25.91 9.73
C PHE C 158 -7.99 26.45 8.31
N ALA C 159 -8.59 25.62 7.47
CA ALA C 159 -8.84 25.96 6.06
C ALA C 159 -9.84 27.12 5.94
N GLN C 160 -10.90 27.09 6.75
CA GLN C 160 -11.94 28.12 6.70
C GLN C 160 -11.39 29.50 7.05
N ARG C 161 -10.44 29.55 7.99
CA ARG C 161 -9.86 30.79 8.49
C ARG C 161 -8.83 31.42 7.55
N GLN C 162 -8.42 30.69 6.52
CA GLN C 162 -7.44 31.20 5.56
C GLN C 162 -8.15 32.04 4.50
N SER C 171 3.63 34.38 -0.95
CA SER C 171 4.87 34.11 -0.21
C SER C 171 4.64 33.21 1.01
N SER C 172 3.37 33.02 1.38
CA SER C 172 3.01 32.18 2.51
C SER C 172 3.22 30.69 2.22
N ASN C 173 3.38 29.91 3.28
CA ASN C 173 3.66 28.50 3.18
C ASN C 173 2.79 27.74 4.19
N LEU C 174 1.52 27.58 3.82
CA LEU C 174 0.51 26.93 4.68
C LEU C 174 0.55 25.42 4.54
N SER C 175 0.61 24.72 5.67
CA SER C 175 0.49 23.26 5.65
C SER C 175 0.03 22.65 6.96
N ILE C 176 -0.41 21.40 6.87
CA ILE C 176 -0.84 20.61 8.00
C ILE C 176 0.04 19.35 8.01
N VAL C 177 0.49 18.97 9.20
CA VAL C 177 1.21 17.71 9.35
C VAL C 177 0.43 16.84 10.36
N ASN C 178 0.04 15.66 9.90
CA ASN C 178 -0.66 14.71 10.78
C ASN C 178 0.30 13.66 11.28
N LEU C 179 0.29 13.40 12.58
CA LEU C 179 1.10 12.32 13.13
C LEU C 179 0.40 10.98 13.05
N CYS C 180 0.94 10.16 12.16
CA CYS C 180 0.33 8.90 11.78
C CYS C 180 1.08 7.80 12.49
N ASP C 181 1.12 6.60 11.89
CA ASP C 181 1.70 5.44 12.54
C ASP C 181 2.18 4.47 11.46
N ALA C 182 3.48 4.16 11.48
CA ALA C 182 4.08 3.34 10.44
C ALA C 182 3.60 1.89 10.49
N MET C 183 3.06 1.50 11.64
CA MET C 183 2.71 0.10 11.91
C MET C 183 1.22 -0.20 11.71
N VAL C 184 0.53 0.70 11.02
CA VAL C 184 -0.92 0.66 10.86
C VAL C 184 -1.43 -0.62 10.14
N ASP C 185 -0.58 -1.20 9.27
CA ASP C 185 -0.92 -2.45 8.57
C ASP C 185 -0.45 -3.70 9.33
N GLN C 186 0.29 -3.49 10.41
CA GLN C 186 0.77 -4.55 11.28
C GLN C 186 0.49 -4.16 12.72
N PRO C 187 -0.80 -4.01 13.08
CA PRO C 187 -1.17 -3.31 14.31
C PRO C 187 -0.85 -4.08 15.58
N CYS C 188 -0.72 -3.35 16.69
CA CYS C 188 -0.60 -3.96 18.01
C CYS C 188 -1.89 -4.72 18.34
N MET C 189 -1.73 -5.92 18.90
CA MET C 189 -2.85 -6.77 19.30
C MET C 189 -3.81 -6.03 20.23
N ALA C 190 -5.11 -6.09 19.91
CA ALA C 190 -6.18 -5.49 20.74
C ALA C 190 -6.21 -3.96 20.75
N PHE C 191 -5.65 -3.33 19.72
CA PHE C 191 -5.68 -1.87 19.57
C PHE C 191 -6.55 -1.43 18.39
N SER C 192 -7.70 -2.08 18.20
CA SER C 192 -8.46 -1.85 16.98
C SER C 192 -8.95 -0.41 16.82
N LEU C 193 -9.50 0.20 17.88
CA LEU C 193 -9.98 1.58 17.79
C LEU C 193 -8.85 2.58 17.51
N TYR C 194 -7.73 2.41 18.21
CA TYR C 194 -6.54 3.22 17.92
C TYR C 194 -6.17 3.07 16.45
N ASN C 195 -6.10 1.82 15.97
CA ASN C 195 -5.67 1.53 14.60
C ASN C 195 -6.65 2.11 13.58
N MET C 196 -7.94 1.98 13.85
CA MET C 196 -8.97 2.58 13.01
C MET C 196 -8.79 4.10 12.90
N GLY C 197 -8.54 4.74 14.05
CA GLY C 197 -8.25 6.17 14.16
C GLY C 197 -7.08 6.58 13.28
N LYS C 198 -5.98 5.86 13.39
CA LYS C 198 -4.79 6.16 12.58
C LYS C 198 -5.01 5.92 11.09
N HIS C 199 -5.75 4.86 10.75
CA HIS C 199 -6.15 4.64 9.35
C HIS C 199 -7.00 5.79 8.81
N ALA C 200 -7.95 6.25 9.63
CA ALA C 200 -8.79 7.38 9.24
C ALA C 200 -7.94 8.65 9.05
N LEU C 201 -6.89 8.79 9.87
CA LEU C 201 -5.95 9.91 9.74
C LEU C 201 -5.22 9.88 8.40
N VAL C 202 -4.86 8.68 7.94
CA VAL C 202 -4.28 8.52 6.60
C VAL C 202 -5.27 9.01 5.54
N GLY C 203 -6.54 8.59 5.63
CA GLY C 203 -7.57 9.04 4.69
C GLY C 203 -7.79 10.54 4.72
N LEU C 204 -7.78 11.13 5.92
CA LEU C 204 -7.87 12.58 6.07
C LEU C 204 -6.69 13.29 5.38
N THR C 205 -5.48 12.79 5.62
CA THR C 205 -4.27 13.36 5.01
C THR C 205 -4.44 13.42 3.50
N GLN C 206 -4.88 12.31 2.90
CA GLN C 206 -5.07 12.22 1.45
C GLN C 206 -6.22 13.10 0.95
N SER C 207 -7.39 12.99 1.58
CA SER C 207 -8.58 13.74 1.16
C SER C 207 -8.39 15.24 1.27
N ALA C 208 -7.77 15.68 2.37
CA ALA C 208 -7.53 17.10 2.61
C ALA C 208 -6.44 17.64 1.69
N ALA C 209 -5.43 16.83 1.38
CA ALA C 209 -4.40 17.24 0.43
C ALA C 209 -5.02 17.55 -0.94
N LEU C 210 -5.86 16.64 -1.43
CA LEU C 210 -6.54 16.80 -2.71
C LEU C 210 -7.39 18.08 -2.71
N GLU C 211 -8.18 18.24 -1.65
CA GLU C 211 -9.20 19.29 -1.55
C GLU C 211 -8.63 20.69 -1.24
N LEU C 212 -7.57 20.74 -0.44
CA LEU C 212 -6.99 22.02 -0.02
C LEU C 212 -5.84 22.49 -0.91
N ALA C 213 -5.41 21.65 -1.85
CA ALA C 213 -4.36 22.01 -2.79
C ALA C 213 -4.66 23.32 -3.55
N PRO C 214 -5.91 23.51 -4.02
CA PRO C 214 -6.27 24.78 -4.69
C PRO C 214 -6.06 26.03 -3.82
N TYR C 215 -6.04 25.85 -2.50
CA TYR C 215 -5.85 26.96 -1.57
C TYR C 215 -4.38 27.12 -1.17
N GLY C 216 -3.51 26.28 -1.72
CA GLY C 216 -2.08 26.32 -1.41
C GLY C 216 -1.75 25.70 -0.05
N ILE C 217 -2.71 25.00 0.53
CA ILE C 217 -2.50 24.29 1.80
C ILE C 217 -2.05 22.87 1.51
N ARG C 218 -0.83 22.53 1.91
CA ARG C 218 -0.31 21.18 1.76
C ARG C 218 -0.69 20.37 2.99
N VAL C 219 -0.93 19.07 2.82
CA VAL C 219 -1.33 18.20 3.92
C VAL C 219 -0.51 16.92 3.85
N ASN C 220 0.31 16.72 4.86
CA ASN C 220 1.23 15.59 4.90
C ASN C 220 1.19 14.90 6.24
N GLY C 221 1.94 13.80 6.35
CA GLY C 221 1.99 13.03 7.60
C GLY C 221 3.40 12.61 7.92
N VAL C 222 3.63 12.36 9.21
CA VAL C 222 4.86 11.76 9.69
C VAL C 222 4.44 10.54 10.50
N ALA C 223 4.99 9.38 10.16
CA ALA C 223 4.59 8.12 10.77
C ALA C 223 5.74 7.44 11.54
N PRO C 224 5.79 7.64 12.87
CA PRO C 224 6.78 6.91 13.66
C PRO C 224 6.37 5.45 13.71
N GLY C 225 7.29 4.53 14.00
N GLY C 225 7.33 4.58 14.02
CA GLY C 225 6.88 3.15 14.27
CA GLY C 225 7.07 3.20 14.42
C GLY C 225 6.55 3.03 15.76
C GLY C 225 7.12 3.15 15.94
N VAL C 226 6.60 1.82 16.31
N VAL C 226 8.33 3.19 16.50
CA VAL C 226 6.66 1.66 17.76
CA VAL C 226 8.49 3.39 17.94
C VAL C 226 8.08 2.12 18.11
C VAL C 226 9.48 4.53 18.26
N SER C 227 8.25 3.44 18.13
N SER C 227 8.93 5.60 18.84
CA SER C 227 9.57 4.09 18.04
CA SER C 227 9.74 6.70 19.37
C SER C 227 9.88 5.06 19.17
C SER C 227 9.81 6.55 20.90
N LEU C 228 8.86 5.53 19.89
N LEU C 228 9.72 7.67 21.61
CA LEU C 228 9.07 6.27 21.13
CA LEU C 228 9.68 7.59 23.07
C LEU C 228 8.06 5.78 22.16
C LEU C 228 8.60 6.59 23.49
N LEU C 229 8.53 4.89 23.04
N LEU C 229 9.00 5.49 24.11
CA LEU C 229 7.70 4.07 23.92
CA LEU C 229 8.03 4.44 24.40
C LEU C 229 7.10 4.80 25.15
C LEU C 229 7.11 4.92 25.51
N PRO C 230 5.88 4.38 25.58
CA PRO C 230 5.05 4.89 26.68
C PRO C 230 5.80 4.88 28.01
N VAL C 231 5.79 6.01 28.73
CA VAL C 231 6.59 6.14 29.97
C VAL C 231 6.17 5.14 31.05
N ALA C 232 4.95 4.62 30.94
CA ALA C 232 4.43 3.62 31.86
C ALA C 232 4.95 2.21 31.56
N MET C 233 5.53 2.02 30.38
CA MET C 233 6.10 0.73 29.98
C MET C 233 7.38 0.45 30.77
N GLY C 234 7.47 -0.75 31.32
CA GLY C 234 8.67 -1.21 31.99
C GLY C 234 9.84 -1.32 31.03
N GLU C 235 11.04 -1.02 31.54
CA GLU C 235 12.28 -1.04 30.76
C GLU C 235 12.53 -2.36 30.04
N GLU C 236 12.14 -3.46 30.66
CA GLU C 236 12.31 -4.79 30.08
C GLU C 236 11.45 -4.95 28.81
N GLU C 237 10.21 -4.47 28.86
CA GLU C 237 9.34 -4.47 27.70
C GLU C 237 9.81 -3.48 26.62
N LYS C 238 10.29 -2.32 27.05
CA LYS C 238 10.88 -1.34 26.14
C LYS C 238 12.03 -1.95 25.33
N ASP C 239 12.88 -2.71 26.00
CA ASP C 239 14.02 -3.35 25.35
C ASP C 239 13.59 -4.37 24.29
N LYS C 240 12.50 -5.09 24.57
CA LYS C 240 11.97 -6.07 23.60
C LYS C 240 11.68 -5.37 22.27
N TRP C 241 11.14 -4.16 22.35
CA TRP C 241 10.82 -3.36 21.18
C TRP C 241 12.07 -2.77 20.52
N ARG C 242 13.00 -2.31 21.36
CA ARG C 242 14.25 -1.74 20.87
C ARG C 242 15.01 -2.77 20.06
N ARG C 243 15.09 -3.99 20.59
CA ARG C 243 15.76 -5.10 19.89
C ARG C 243 15.19 -5.41 18.49
N LYS C 244 13.93 -5.03 18.23
CA LYS C 244 13.30 -5.26 16.91
C LYS C 244 13.71 -4.25 15.81
N VAL C 245 14.17 -3.06 16.18
CA VAL C 245 14.44 -1.98 15.21
C VAL C 245 15.76 -2.25 14.49
N PRO C 246 15.72 -2.48 13.16
CA PRO C 246 16.94 -2.79 12.39
C PRO C 246 17.99 -1.68 12.48
N LEU C 247 17.57 -0.42 12.38
CA LEU C 247 18.51 0.68 12.40
C LEU C 247 18.87 1.13 13.81
N GLY C 248 19.87 0.46 14.39
CA GLY C 248 20.45 0.86 15.68
C GLY C 248 19.87 0.18 16.91
N ARG C 249 18.89 -0.70 16.72
CA ARG C 249 18.20 -1.40 17.82
C ARG C 249 17.80 -0.44 18.95
N ARG C 250 17.18 0.66 18.58
CA ARG C 250 16.80 1.70 19.52
C ARG C 250 15.58 2.47 19.01
N GLU C 251 14.89 3.13 19.94
CA GLU C 251 13.75 4.00 19.63
C GLU C 251 14.25 5.30 18.99
N ALA C 252 13.37 5.96 18.24
CA ALA C 252 13.63 7.33 17.77
C ALA C 252 13.58 8.27 18.96
N SER C 253 14.41 9.30 18.93
CA SER C 253 14.19 10.44 19.82
C SER C 253 13.00 11.26 19.32
N ALA C 254 12.38 12.01 20.22
CA ALA C 254 11.31 12.91 19.80
C ALA C 254 11.82 13.93 18.77
N GLU C 255 13.09 14.32 18.91
CA GLU C 255 13.78 15.26 18.00
CA GLU C 255 13.70 15.29 18.01
C GLU C 255 13.79 14.78 16.56
N GLN C 256 14.08 13.48 16.40
CA GLN C 256 14.14 12.84 15.09
C GLN C 256 12.78 12.85 14.39
N ILE C 257 11.71 12.60 15.16
CA ILE C 257 10.35 12.70 14.62
C ILE C 257 10.05 14.16 14.21
N ALA C 258 10.40 15.10 15.09
CA ALA C 258 10.22 16.53 14.82
C ALA C 258 10.96 17.00 13.57
N ASP C 259 12.15 16.42 13.34
CA ASP C 259 12.96 16.71 12.14
C ASP C 259 12.16 16.51 10.86
N ALA C 260 11.39 15.41 10.79
CA ALA C 260 10.56 15.11 9.63
C ALA C 260 9.41 16.09 9.49
N VAL C 261 8.82 16.48 10.63
CA VAL C 261 7.76 17.50 10.65
C VAL C 261 8.30 18.83 10.10
N ILE C 262 9.47 19.25 10.59
CA ILE C 262 10.12 20.49 10.15
C ILE C 262 10.38 20.49 8.63
N PHE C 263 10.84 19.36 8.10
CA PHE C 263 11.05 19.23 6.65
C PHE C 263 9.75 19.50 5.87
N LEU C 264 8.68 18.80 6.25
CA LEU C 264 7.39 18.91 5.59
C LEU C 264 6.78 20.32 5.62
N VAL C 265 6.96 21.05 6.73
CA VAL C 265 6.48 22.43 6.80
C VAL C 265 7.38 23.42 6.02
N SER C 266 8.63 23.05 5.81
CA SER C 266 9.64 23.95 5.20
C SER C 266 9.42 24.20 3.70
N GLY C 267 10.12 25.21 3.18
CA GLY C 267 10.18 25.47 1.74
C GLY C 267 10.84 24.38 0.91
N SER C 268 11.53 23.46 1.56
CA SER C 268 12.13 22.30 0.90
C SER C 268 11.11 21.23 0.52
N ALA C 269 9.85 21.44 0.91
CA ALA C 269 8.78 20.47 0.67
C ALA C 269 7.58 21.09 -0.04
N GLN C 270 7.83 22.17 -0.78
CA GLN C 270 6.76 22.96 -1.43
C GLN C 270 5.91 22.24 -2.48
N TYR C 271 6.42 21.15 -3.04
CA TYR C 271 5.67 20.35 -4.00
C TYR C 271 5.10 19.08 -3.34
N ILE C 272 5.37 18.92 -2.04
CA ILE C 272 4.95 17.70 -1.35
C ILE C 272 3.60 17.89 -0.68
N THR C 273 2.59 17.15 -1.17
CA THR C 273 1.31 17.08 -0.47
C THR C 273 0.70 15.67 -0.61
N GLY C 274 0.04 15.21 0.46
CA GLY C 274 -0.53 13.86 0.49
C GLY C 274 0.49 12.77 0.74
N SER C 275 1.67 13.14 1.24
CA SER C 275 2.74 12.18 1.49
C SER C 275 2.85 11.93 2.97
N ILE C 276 3.15 10.68 3.33
CA ILE C 276 3.40 10.32 4.71
C ILE C 276 4.80 9.74 4.81
N ILE C 277 5.66 10.38 5.60
CA ILE C 277 7.05 9.96 5.75
C ILE C 277 7.15 9.07 6.96
N LYS C 278 7.51 7.80 6.75
CA LYS C 278 7.83 6.88 7.84
C LYS C 278 9.14 7.31 8.47
N VAL C 279 9.17 7.29 9.81
CA VAL C 279 10.39 7.57 10.57
C VAL C 279 10.43 6.46 11.61
N ASP C 280 10.86 5.28 11.16
CA ASP C 280 10.69 4.07 11.97
C ASP C 280 11.93 3.19 12.09
N GLY C 281 13.04 3.63 11.52
CA GLY C 281 14.29 2.87 11.59
C GLY C 281 14.20 1.47 10.99
N GLY C 282 13.25 1.28 10.08
CA GLY C 282 13.06 0.01 9.39
C GLY C 282 12.14 -0.97 10.08
N LEU C 283 11.54 -0.57 11.20
CA LEU C 283 10.70 -1.46 12.02
C LEU C 283 9.56 -2.14 11.24
N SER C 284 8.86 -1.36 10.42
CA SER C 284 7.72 -1.86 9.63
C SER C 284 8.13 -2.87 8.55
N LEU C 285 9.42 -2.96 8.26
CA LEU C 285 9.98 -3.88 7.26
C LEU C 285 10.23 -5.28 7.80
N VAL C 286 10.17 -5.42 9.12
CA VAL C 286 10.52 -6.67 9.79
C VAL C 286 9.31 -7.59 9.91
N HIS C 287 9.41 -8.78 9.32
CA HIS C 287 8.33 -9.77 9.41
C HIS C 287 8.25 -10.37 10.81
N ALA C 288 7.15 -11.06 11.10
CA ALA C 288 6.91 -11.69 12.39
C ALA C 288 7.99 -12.71 12.74
N GLU D 22 37.35 16.09 6.39
CA GLU D 22 37.27 15.55 4.99
C GLU D 22 35.82 15.59 4.50
N ALA D 23 35.64 16.04 3.27
CA ALA D 23 34.31 16.13 2.65
C ALA D 23 33.80 14.74 2.28
N PRO D 24 32.49 14.49 2.49
CA PRO D 24 31.91 13.22 2.08
C PRO D 24 31.81 13.15 0.55
N ALA D 25 31.60 11.95 0.00
CA ALA D 25 31.50 11.78 -1.45
C ALA D 25 30.22 11.04 -1.85
N ALA D 26 29.66 11.43 -2.98
CA ALA D 26 28.42 10.84 -3.48
C ALA D 26 28.52 10.40 -4.94
N VAL D 27 27.89 9.28 -5.25
CA VAL D 27 27.70 8.83 -6.62
C VAL D 27 26.27 9.12 -7.02
N VAL D 28 26.09 9.87 -8.12
CA VAL D 28 24.78 10.10 -8.71
C VAL D 28 24.78 9.54 -10.13
N THR D 29 23.95 8.53 -10.37
CA THR D 29 23.84 7.93 -11.71
C THR D 29 22.96 8.79 -12.61
N GLY D 30 23.27 8.83 -13.90
CA GLY D 30 22.53 9.66 -14.86
C GLY D 30 22.47 11.12 -14.43
N ALA D 31 23.62 11.66 -14.05
CA ALA D 31 23.71 12.98 -13.42
C ALA D 31 23.98 14.15 -14.37
N ALA D 32 24.04 13.89 -15.68
CA ALA D 32 24.41 14.92 -16.64
C ALA D 32 23.32 15.96 -16.88
N LYS D 33 22.07 15.55 -16.70
CA LYS D 33 20.92 16.39 -17.04
C LYS D 33 19.80 16.30 -16.00
N ARG D 34 18.88 17.25 -16.09
CA ARG D 34 17.57 17.16 -15.46
C ARG D 34 17.66 16.86 -13.95
N ILE D 35 16.92 15.87 -13.47
CA ILE D 35 16.84 15.60 -12.03
C ILE D 35 18.18 15.16 -11.44
N GLY D 36 18.87 14.26 -12.13
CA GLY D 36 20.21 13.82 -11.71
C GLY D 36 21.20 14.98 -11.56
N ARG D 37 21.18 15.88 -12.53
CA ARG D 37 21.99 17.10 -12.47
C ARG D 37 21.67 17.91 -11.24
N ALA D 38 20.37 18.14 -10.98
CA ALA D 38 19.94 18.95 -9.85
C ALA D 38 20.36 18.32 -8.52
N ILE D 39 20.29 16.99 -8.45
CA ILE D 39 20.74 16.24 -7.27
C ILE D 39 22.24 16.44 -7.07
N ALA D 40 23.01 16.24 -8.12
CA ALA D 40 24.47 16.37 -8.05
C ALA D 40 24.87 17.78 -7.58
N VAL D 41 24.27 18.79 -8.18
CA VAL D 41 24.48 20.20 -7.82
C VAL D 41 24.16 20.49 -6.35
N LYS D 42 22.99 20.03 -5.87
CA LYS D 42 22.59 20.27 -4.49
C LYS D 42 23.48 19.54 -3.49
N LEU D 43 23.86 18.30 -3.82
CA LEU D 43 24.84 17.58 -3.01
C LEU D 43 26.16 18.36 -2.92
N HIS D 44 26.63 18.82 -4.08
CA HIS D 44 27.87 19.60 -4.15
C HIS D 44 27.77 20.89 -3.33
N GLN D 45 26.66 21.59 -3.46
CA GLN D 45 26.40 22.82 -2.69
C GLN D 45 26.39 22.57 -1.19
N THR D 46 25.99 21.36 -0.80
CA THR D 46 25.93 20.94 0.60
C THR D 46 27.32 20.54 1.13
N GLY D 47 28.29 20.37 0.23
CA GLY D 47 29.67 20.08 0.62
C GLY D 47 30.21 18.73 0.16
N TYR D 48 29.39 17.99 -0.58
CA TYR D 48 29.80 16.70 -1.12
C TYR D 48 30.71 16.85 -2.34
N ARG D 49 31.69 15.94 -2.42
CA ARG D 49 32.36 15.67 -3.67
C ARG D 49 31.51 14.67 -4.44
N VAL D 50 31.44 14.81 -5.76
CA VAL D 50 30.48 14.03 -6.56
C VAL D 50 31.10 13.29 -7.74
N VAL D 51 30.65 12.05 -7.92
CA VAL D 51 30.86 11.34 -9.17
C VAL D 51 29.61 11.53 -10.03
N ILE D 52 29.82 12.15 -11.19
CA ILE D 52 28.77 12.36 -12.17
C ILE D 52 28.77 11.20 -13.17
N HIS D 53 27.95 10.18 -12.92
CA HIS D 53 27.81 9.10 -13.88
C HIS D 53 26.94 9.55 -15.05
N TYR D 54 27.27 9.08 -16.23
CA TYR D 54 26.48 9.36 -17.43
C TYR D 54 26.59 8.19 -18.41
N HIS D 55 25.72 8.17 -19.42
CA HIS D 55 25.79 7.16 -20.47
C HIS D 55 26.18 7.79 -21.80
N ASN D 56 25.25 8.52 -22.41
CA ASN D 56 25.49 9.15 -23.71
C ASN D 56 25.78 10.64 -23.62
N SER D 57 25.43 11.27 -22.49
CA SER D 57 25.55 12.72 -22.38
C SER D 57 26.93 13.16 -21.88
N ALA D 58 27.96 12.85 -22.67
CA ALA D 58 29.35 13.16 -22.33
C ALA D 58 29.61 14.66 -22.19
N GLU D 59 29.18 15.44 -23.18
CA GLU D 59 29.37 16.90 -23.15
C GLU D 59 28.72 17.53 -21.92
N ALA D 60 27.46 17.17 -21.65
CA ALA D 60 26.74 17.68 -20.50
C ALA D 60 27.44 17.31 -19.18
N ALA D 61 27.85 16.05 -19.08
CA ALA D 61 28.51 15.53 -17.89
C ALA D 61 29.81 16.27 -17.57
N VAL D 62 30.68 16.42 -18.58
CA VAL D 62 31.95 17.11 -18.36
CA VAL D 62 31.96 17.12 -18.40
C VAL D 62 31.73 18.60 -18.08
N SER D 63 30.76 19.21 -18.77
CA SER D 63 30.40 20.61 -18.53
C SER D 63 30.01 20.83 -17.07
N LEU D 64 29.19 19.93 -16.53
CA LEU D 64 28.80 19.99 -15.12
C LEU D 64 29.99 19.80 -14.18
N ALA D 65 30.83 18.80 -14.45
CA ALA D 65 32.03 18.57 -13.67
C ALA D 65 32.92 19.81 -13.65
N ASP D 66 33.10 20.42 -14.82
CA ASP D 66 33.85 21.67 -14.99
C ASP D 66 33.32 22.78 -14.08
N GLU D 67 32.01 22.98 -14.13
CA GLU D 67 31.34 24.00 -13.32
C GLU D 67 31.53 23.76 -11.82
N LEU D 68 31.40 22.51 -11.40
CA LEU D 68 31.56 22.18 -9.98
C LEU D 68 33.02 22.28 -9.50
N ASN D 69 33.96 21.88 -10.34
CA ASN D 69 35.38 22.01 -10.04
C ASN D 69 35.87 23.47 -10.00
N LYS D 70 35.27 24.31 -10.85
CA LYS D 70 35.52 25.76 -10.81
C LYS D 70 35.07 26.36 -9.48
N GLU D 71 34.02 25.79 -8.90
CA GLU D 71 33.51 26.23 -7.59
C GLU D 71 34.44 25.77 -6.46
N ARG D 72 34.74 24.48 -6.42
N ARG D 72 34.73 24.48 -6.41
CA ARG D 72 35.72 23.93 -5.49
CA ARG D 72 35.72 23.92 -5.49
C ARG D 72 36.60 22.92 -6.23
C ARG D 72 36.59 22.92 -6.24
N SER D 73 37.90 23.17 -6.25
CA SER D 73 38.84 22.31 -6.98
C SER D 73 38.80 20.85 -6.53
N ASN D 74 38.85 19.95 -7.52
CA ASN D 74 38.94 18.51 -7.30
C ASN D 74 37.77 17.92 -6.49
N THR D 75 36.55 18.36 -6.80
CA THR D 75 35.37 17.87 -6.08
C THR D 75 34.36 17.18 -6.99
N ALA D 76 34.67 17.10 -8.28
CA ALA D 76 33.79 16.43 -9.23
C ALA D 76 34.59 15.63 -10.26
N VAL D 77 34.13 14.41 -10.51
CA VAL D 77 34.65 13.58 -11.60
C VAL D 77 33.49 13.01 -12.38
N VAL D 78 33.74 12.62 -13.62
CA VAL D 78 32.75 11.94 -14.45
C VAL D 78 33.06 10.45 -14.53
N CYS D 79 32.03 9.66 -14.79
CA CYS D 79 32.18 8.22 -14.97
C CYS D 79 31.13 7.70 -15.95
N GLN D 80 31.60 7.17 -17.09
CA GLN D 80 30.72 6.65 -18.12
C GLN D 80 30.43 5.16 -17.91
N ALA D 81 29.15 4.79 -17.99
CA ALA D 81 28.74 3.38 -17.93
C ALA D 81 27.34 3.19 -18.51
N ASP D 82 27.21 2.14 -19.32
CA ASP D 82 25.92 1.64 -19.76
C ASP D 82 25.35 0.78 -18.64
N LEU D 83 24.13 1.08 -18.22
CA LEU D 83 23.46 0.37 -17.13
C LEU D 83 22.39 -0.63 -17.59
N THR D 84 22.36 -0.89 -18.90
CA THR D 84 21.60 -1.99 -19.48
C THR D 84 22.00 -3.32 -18.83
N ASN D 85 21.02 -4.18 -18.56
CA ASN D 85 21.31 -5.50 -18.06
C ASN D 85 22.16 -6.33 -19.04
N SER D 86 23.17 -7.01 -18.50
CA SER D 86 24.03 -7.92 -19.25
C SER D 86 24.87 -8.68 -18.22
N ASN D 87 25.65 -9.65 -18.68
CA ASN D 87 26.55 -10.38 -17.77
C ASN D 87 27.74 -9.56 -17.27
N VAL D 88 27.97 -8.39 -17.85
N VAL D 88 27.90 -8.36 -17.82
CA VAL D 88 29.04 -7.50 -17.38
CA VAL D 88 29.00 -7.46 -17.48
C VAL D 88 28.52 -6.28 -16.59
C VAL D 88 28.52 -6.34 -16.56
N LEU D 89 27.20 -6.22 -16.41
CA LEU D 89 26.62 -5.15 -15.58
C LEU D 89 27.19 -5.13 -14.15
N PRO D 90 27.34 -6.31 -13.49
CA PRO D 90 28.01 -6.29 -12.18
C PRO D 90 29.38 -5.58 -12.17
N ALA D 91 30.22 -5.87 -13.16
CA ALA D 91 31.54 -5.24 -13.28
C ALA D 91 31.43 -3.72 -13.48
N SER D 92 30.50 -3.30 -14.33
CA SER D 92 30.28 -1.88 -14.60
C SER D 92 29.85 -1.12 -13.35
N CYS D 93 28.97 -1.74 -12.57
CA CYS D 93 28.48 -1.14 -11.33
C CYS D 93 29.58 -1.08 -10.27
N GLU D 94 30.36 -2.16 -10.18
CA GLU D 94 31.53 -2.21 -9.30
C GLU D 94 32.49 -1.06 -9.61
N GLU D 95 32.68 -0.80 -10.91
CA GLU D 95 33.57 0.24 -11.42
C GLU D 95 33.09 1.66 -11.10
N ILE D 96 31.77 1.86 -11.17
CA ILE D 96 31.18 3.17 -10.81
C ILE D 96 31.51 3.50 -9.37
N ILE D 97 31.28 2.54 -8.47
CA ILE D 97 31.60 2.72 -7.05
C ILE D 97 33.11 2.88 -6.85
N ASN D 98 33.90 2.02 -7.52
CA ASN D 98 35.37 2.11 -7.49
C ASN D 98 35.88 3.50 -7.87
N SER D 99 35.24 4.12 -8.87
CA SER D 99 35.65 5.44 -9.36
CA SER D 99 35.64 5.44 -9.36
C SER D 99 35.49 6.51 -8.28
N CYS D 100 34.49 6.35 -7.41
CA CYS D 100 34.32 7.24 -6.25
C CYS D 100 35.46 7.10 -5.24
N PHE D 101 35.83 5.85 -4.95
CA PHE D 101 36.96 5.57 -4.04
C PHE D 101 38.30 6.01 -4.63
N ARG D 102 38.47 5.76 -5.92
CA ARG D 102 39.67 6.20 -6.66
C ARG D 102 39.85 7.73 -6.60
N ALA D 103 38.75 8.47 -6.82
CA ALA D 103 38.81 9.93 -6.83
C ALA D 103 38.88 10.55 -5.45
N PHE D 104 38.04 10.06 -4.53
CA PHE D 104 37.79 10.75 -3.27
C PHE D 104 38.15 9.97 -2.01
N GLY D 105 38.53 8.70 -2.18
CA GLY D 105 38.93 7.85 -1.06
C GLY D 105 37.80 7.32 -0.18
N ARG D 106 36.56 7.61 -0.58
CA ARG D 106 35.39 7.23 0.19
C ARG D 106 34.15 7.32 -0.68
N CYS D 107 33.07 6.69 -0.24
CA CYS D 107 31.77 6.80 -0.90
C CYS D 107 30.67 6.74 0.15
N ASP D 108 30.04 7.89 0.40
CA ASP D 108 29.09 8.04 1.51
C ASP D 108 27.65 7.89 1.06
N VAL D 109 27.37 8.37 -0.14
CA VAL D 109 26.01 8.43 -0.66
C VAL D 109 25.97 7.85 -2.08
N LEU D 110 24.95 7.03 -2.34
CA LEU D 110 24.65 6.53 -3.67
C LEU D 110 23.24 6.98 -4.03
N VAL D 111 23.11 7.66 -5.17
CA VAL D 111 21.79 8.05 -5.67
C VAL D 111 21.52 7.32 -6.99
N ASN D 112 20.56 6.40 -6.95
CA ASN D 112 20.15 5.64 -8.13
C ASN D 112 19.10 6.40 -8.93
N ASN D 113 19.58 7.20 -9.89
CA ASN D 113 18.75 8.13 -10.65
C ASN D 113 18.59 7.71 -12.12
N ALA D 114 19.66 7.18 -12.72
CA ALA D 114 19.66 6.83 -14.15
C ALA D 114 18.51 5.87 -14.46
N SER D 115 17.84 6.10 -15.58
CA SER D 115 16.63 5.36 -15.89
C SER D 115 16.22 5.44 -17.36
N ALA D 116 15.96 4.29 -17.97
CA ALA D 116 15.33 4.22 -19.28
C ALA D 116 13.83 4.31 -19.07
N PHE D 117 13.17 5.03 -19.98
CA PHE D 117 11.74 5.28 -19.89
C PHE D 117 11.15 5.40 -21.29
N TYR D 118 10.42 4.38 -21.69
CA TYR D 118 9.71 4.36 -22.98
C TYR D 118 8.67 3.23 -22.99
N PRO D 119 7.63 3.35 -23.85
CA PRO D 119 6.59 2.32 -23.85
C PRO D 119 7.05 0.97 -24.40
N THR D 120 6.52 -0.10 -23.82
CA THR D 120 6.75 -1.47 -24.29
C THR D 120 5.42 -2.21 -24.35
N PRO D 121 4.60 -1.94 -25.37
CA PRO D 121 3.26 -2.53 -25.46
C PRO D 121 3.29 -4.06 -25.43
N LEU D 122 2.31 -4.66 -24.77
CA LEU D 122 2.19 -6.10 -24.68
C LEU D 122 1.72 -6.72 -25.99
N VAL D 123 0.95 -5.96 -26.76
CA VAL D 123 0.41 -6.43 -28.05
C VAL D 123 0.97 -5.59 -29.20
N GLY D 133 11.93 -0.50 -33.09
CA GLY D 133 13.16 -1.08 -33.63
C GLY D 133 13.86 -2.03 -32.67
N LYS D 134 13.68 -1.80 -31.38
CA LYS D 134 14.32 -2.60 -30.34
C LYS D 134 13.64 -3.95 -30.14
N THR D 135 14.44 -5.00 -30.01
CA THR D 135 13.92 -6.33 -29.69
C THR D 135 13.40 -6.32 -28.26
N VAL D 136 12.49 -7.24 -27.94
CA VAL D 136 11.95 -7.32 -26.58
C VAL D 136 13.05 -7.62 -25.54
N GLU D 137 14.04 -8.43 -25.94
CA GLU D 137 15.22 -8.73 -25.10
C GLU D 137 15.93 -7.44 -24.70
N THR D 138 16.11 -6.55 -25.67
CA THR D 138 16.76 -5.25 -25.45
C THR D 138 15.92 -4.37 -24.54
N GLN D 139 14.61 -4.35 -24.78
CA GLN D 139 13.69 -3.57 -23.96
CA GLN D 139 13.66 -3.58 -23.97
C GLN D 139 13.73 -4.03 -22.51
N VAL D 140 13.68 -5.34 -22.31
CA VAL D 140 13.83 -5.93 -20.97
C VAL D 140 15.16 -5.50 -20.33
N ALA D 141 16.26 -5.70 -21.06
CA ALA D 141 17.60 -5.37 -20.56
C ALA D 141 17.74 -3.88 -20.17
N GLU D 142 17.22 -2.98 -21.01
CA GLU D 142 17.35 -1.55 -20.73
C GLU D 142 16.45 -1.10 -19.58
N LEU D 143 15.18 -1.50 -19.62
CA LEU D 143 14.20 -0.98 -18.65
C LEU D 143 14.35 -1.61 -17.26
N ILE D 144 14.54 -2.93 -17.21
CA ILE D 144 14.78 -3.63 -15.93
C ILE D 144 16.20 -3.38 -15.43
N GLY D 145 17.15 -3.33 -16.36
CA GLY D 145 18.55 -3.04 -16.03
C GLY D 145 18.73 -1.71 -15.35
N THR D 146 18.33 -0.63 -16.02
CA THR D 146 18.50 0.73 -15.48
C THR D 146 17.70 0.95 -14.21
N ASN D 147 16.43 0.54 -14.21
CA ASN D 147 15.51 0.87 -13.13
C ASN D 147 15.63 0.00 -11.88
N ALA D 148 16.21 -1.19 -12.03
CA ALA D 148 16.19 -2.15 -10.94
C ALA D 148 17.50 -2.93 -10.72
N ILE D 149 18.00 -3.61 -11.75
CA ILE D 149 19.16 -4.48 -11.57
C ILE D 149 20.45 -3.68 -11.27
N ALA D 150 20.68 -2.62 -12.04
CA ALA D 150 21.82 -1.73 -11.77
C ALA D 150 21.77 -1.12 -10.35
N PRO D 151 20.62 -0.52 -9.96
CA PRO D 151 20.45 -0.14 -8.55
C PRO D 151 20.83 -1.24 -7.54
N PHE D 152 20.43 -2.47 -7.80
CA PHE D 152 20.80 -3.60 -6.95
C PHE D 152 22.31 -3.83 -6.89
N LEU D 153 22.94 -3.91 -8.06
CA LEU D 153 24.38 -4.17 -8.15
C LEU D 153 25.20 -3.03 -7.56
N LEU D 154 24.78 -1.80 -7.83
CA LEU D 154 25.42 -0.62 -7.22
C LEU D 154 25.29 -0.62 -5.71
N THR D 155 24.12 -1.02 -5.21
CA THR D 155 23.89 -1.19 -3.78
C THR D 155 24.83 -2.24 -3.19
N MET D 156 24.93 -3.39 -3.84
CA MET D 156 25.89 -4.44 -3.45
C MET D 156 27.33 -3.93 -3.36
N SER D 157 27.80 -3.29 -4.43
CA SER D 157 29.16 -2.78 -4.50
C SER D 157 29.39 -1.69 -3.46
N PHE D 158 28.42 -0.78 -3.32
CA PHE D 158 28.45 0.26 -2.29
C PHE D 158 28.65 -0.34 -0.90
N ALA D 159 27.78 -1.30 -0.54
CA ALA D 159 27.83 -1.95 0.77
C ALA D 159 29.15 -2.70 1.00
N GLN D 160 29.59 -3.43 -0.01
CA GLN D 160 30.80 -4.25 0.06
C GLN D 160 32.04 -3.40 0.33
N ARG D 161 32.08 -2.22 -0.28
CA ARG D 161 33.21 -1.30 -0.14
C ARG D 161 33.29 -0.58 1.22
N GLN D 162 32.23 -0.64 2.02
CA GLN D 162 32.21 0.02 3.33
C GLN D 162 32.88 -0.84 4.40
N SER D 172 30.05 8.97 10.58
CA SER D 172 29.65 9.00 9.17
C SER D 172 28.15 8.78 8.99
N ASN D 173 27.65 9.18 7.82
CA ASN D 173 26.23 9.14 7.53
C ASN D 173 26.02 8.54 6.13
N LEU D 174 26.08 7.21 6.09
CA LEU D 174 25.98 6.47 4.81
C LEU D 174 24.54 6.21 4.44
N SER D 175 24.16 6.53 3.21
CA SER D 175 22.82 6.18 2.71
C SER D 175 22.72 6.09 1.20
N ILE D 176 21.64 5.44 0.76
CA ILE D 176 21.30 5.32 -0.65
C ILE D 176 19.93 5.94 -0.86
N VAL D 177 19.77 6.68 -1.94
CA VAL D 177 18.45 7.17 -2.32
C VAL D 177 18.10 6.66 -3.71
N ASN D 178 16.97 5.95 -3.80
CA ASN D 178 16.49 5.46 -5.09
C ASN D 178 15.42 6.37 -5.64
N LEU D 179 15.58 6.79 -6.90
CA LEU D 179 14.54 7.55 -7.57
C LEU D 179 13.43 6.61 -8.06
N CYS D 180 12.30 6.67 -7.37
CA CYS D 180 11.17 5.78 -7.62
C CYS D 180 10.12 6.51 -8.45
N ASP D 181 8.86 6.16 -8.30
CA ASP D 181 7.78 6.73 -9.13
C ASP D 181 6.47 6.66 -8.35
N ALA D 182 5.88 7.82 -8.08
CA ALA D 182 4.66 7.93 -7.28
C ALA D 182 3.45 7.27 -7.92
N MET D 183 3.52 7.07 -9.24
CA MET D 183 2.39 6.59 -10.04
C MET D 183 2.47 5.10 -10.35
N VAL D 184 3.29 4.38 -9.61
CA VAL D 184 3.58 2.96 -9.86
C VAL D 184 2.31 2.07 -9.79
N ASP D 185 1.34 2.46 -8.97
CA ASP D 185 0.09 1.71 -8.84
C ASP D 185 -1.00 2.21 -9.80
N GLN D 186 -0.71 3.31 -10.49
CA GLN D 186 -1.60 3.83 -11.53
C GLN D 186 -0.78 4.12 -12.78
N PRO D 187 -0.23 3.04 -13.39
CA PRO D 187 0.85 3.23 -14.36
C PRO D 187 0.39 3.81 -15.69
N CYS D 188 1.32 4.42 -16.43
CA CYS D 188 1.04 4.87 -17.79
C CYS D 188 0.77 3.65 -18.67
N MET D 189 -0.22 3.80 -19.55
CA MET D 189 -0.62 2.75 -20.49
C MET D 189 0.56 2.28 -21.33
N ALA D 190 0.75 0.96 -21.40
CA ALA D 190 1.78 0.32 -22.23
C ALA D 190 3.24 0.52 -21.75
N PHE D 191 3.40 0.81 -20.47
CA PHE D 191 4.72 0.97 -19.86
C PHE D 191 5.02 -0.16 -18.86
N SER D 192 4.67 -1.40 -19.22
CA SER D 192 4.79 -2.51 -18.26
CA SER D 192 4.79 -2.55 -18.30
C SER D 192 6.21 -2.75 -17.75
N LEU D 193 7.19 -2.80 -18.66
CA LEU D 193 8.57 -3.06 -18.25
C LEU D 193 9.13 -1.96 -17.36
N TYR D 194 8.90 -0.71 -17.76
CA TYR D 194 9.26 0.42 -16.91
C TYR D 194 8.61 0.31 -15.52
N ASN D 195 7.32 0.01 -15.49
CA ASN D 195 6.57 -0.10 -14.23
C ASN D 195 7.08 -1.25 -13.37
N MET D 196 7.34 -2.38 -14.00
CA MET D 196 7.95 -3.54 -13.32
C MET D 196 9.29 -3.17 -12.68
N GLY D 197 10.12 -2.43 -13.44
CA GLY D 197 11.41 -1.94 -12.95
C GLY D 197 11.25 -1.06 -11.72
N LYS D 198 10.34 -0.10 -11.79
CA LYS D 198 10.12 0.80 -10.64
C LYS D 198 9.54 0.09 -9.43
N HIS D 199 8.67 -0.90 -9.66
CA HIS D 199 8.21 -1.75 -8.57
C HIS D 199 9.34 -2.53 -7.92
N ALA D 200 10.23 -3.10 -8.74
CA ALA D 200 11.38 -3.82 -8.22
C ALA D 200 12.26 -2.89 -7.39
N LEU D 201 12.34 -1.63 -7.81
CA LEU D 201 13.11 -0.62 -7.10
C LEU D 201 12.56 -0.37 -5.69
N VAL D 202 11.23 -0.42 -5.55
CA VAL D 202 10.57 -0.33 -4.25
C VAL D 202 11.01 -1.52 -3.38
N GLY D 203 10.94 -2.73 -3.94
CA GLY D 203 11.36 -3.94 -3.24
C GLY D 203 12.82 -3.91 -2.82
N LEU D 204 13.69 -3.42 -3.70
CA LEU D 204 15.09 -3.22 -3.35
C LEU D 204 15.24 -2.21 -2.21
N THR D 205 14.54 -1.08 -2.29
CA THR D 205 14.61 -0.07 -1.23
C THR D 205 14.32 -0.71 0.13
N GLN D 206 13.25 -1.51 0.19
CA GLN D 206 12.83 -2.18 1.43
C GLN D 206 13.82 -3.24 1.87
N SER D 207 14.15 -4.15 0.95
CA SER D 207 15.06 -5.27 1.24
C SER D 207 16.45 -4.81 1.68
N ALA D 208 17.01 -3.81 0.99
CA ALA D 208 18.32 -3.27 1.33
C ALA D 208 18.29 -2.46 2.64
N ALA D 209 17.21 -1.71 2.88
CA ALA D 209 17.04 -1.01 4.15
C ALA D 209 17.12 -2.00 5.31
N LEU D 210 16.35 -3.08 5.23
CA LEU D 210 16.34 -4.15 6.23
C LEU D 210 17.74 -4.72 6.46
N GLU D 211 18.37 -5.12 5.36
CA GLU D 211 19.64 -5.86 5.41
C GLU D 211 20.86 -4.97 5.73
N LEU D 212 20.85 -3.72 5.28
CA LEU D 212 22.02 -2.86 5.47
C LEU D 212 21.95 -2.00 6.75
N ALA D 213 20.79 -2.00 7.40
CA ALA D 213 20.62 -1.31 8.68
C ALA D 213 21.70 -1.63 9.72
N PRO D 214 22.04 -2.92 9.92
CA PRO D 214 23.14 -3.25 10.84
C PRO D 214 24.50 -2.61 10.49
N TYR D 215 24.67 -2.18 9.25
CA TYR D 215 25.92 -1.53 8.83
C TYR D 215 25.83 0.00 8.89
N GLY D 216 24.70 0.51 9.36
CA GLY D 216 24.47 1.95 9.44
C GLY D 216 24.17 2.60 8.10
N ILE D 217 23.88 1.78 7.08
CA ILE D 217 23.52 2.29 5.76
C ILE D 217 22.00 2.39 5.66
N ARG D 218 21.50 3.61 5.48
CA ARG D 218 20.07 3.84 5.33
C ARG D 218 19.73 3.75 3.84
N VAL D 219 18.55 3.23 3.53
CA VAL D 219 18.13 3.11 2.15
C VAL D 219 16.72 3.65 2.01
N ASN D 220 16.58 4.69 1.18
CA ASN D 220 15.32 5.40 1.06
C ASN D 220 15.04 5.71 -0.39
N GLY D 221 13.86 6.25 -0.65
CA GLY D 221 13.46 6.61 -2.01
C GLY D 221 12.79 7.96 -2.10
N VAL D 222 12.85 8.55 -3.29
CA VAL D 222 12.10 9.74 -3.62
C VAL D 222 11.26 9.41 -4.85
N ALA D 223 9.96 9.66 -4.78
CA ALA D 223 9.05 9.27 -5.85
C ALA D 223 8.35 10.47 -6.48
N PRO D 224 8.90 10.98 -7.59
CA PRO D 224 8.20 12.04 -8.33
C PRO D 224 6.92 11.51 -8.96
N GLY D 225 5.97 12.42 -9.16
CA GLY D 225 4.80 12.14 -9.98
C GLY D 225 5.22 12.58 -11.36
N VAL D 226 5.00 13.85 -11.66
CA VAL D 226 5.50 14.44 -12.89
C VAL D 226 6.45 15.55 -12.48
N SER D 227 7.68 15.48 -12.98
CA SER D 227 8.68 16.52 -12.79
C SER D 227 9.05 17.01 -14.18
N LEU D 228 10.34 17.20 -14.43
CA LEU D 228 10.79 17.58 -15.78
C LEU D 228 10.24 16.60 -16.82
N LEU D 229 9.31 17.09 -17.64
CA LEU D 229 8.63 16.26 -18.62
C LEU D 229 9.57 15.94 -19.76
N PRO D 230 9.37 14.78 -20.43
CA PRO D 230 10.29 14.37 -21.48
C PRO D 230 10.50 15.45 -22.56
N VAL D 231 11.72 15.53 -23.06
CA VAL D 231 12.11 16.51 -24.08
C VAL D 231 11.31 16.32 -25.36
N ALA D 232 11.03 15.06 -25.71
CA ALA D 232 10.31 14.74 -26.94
C ALA D 232 8.82 15.05 -26.85
N MET D 233 8.30 15.18 -25.63
CA MET D 233 6.88 15.48 -25.43
C MET D 233 6.52 16.88 -25.93
N GLY D 234 5.44 16.95 -26.72
CA GLY D 234 4.94 18.23 -27.22
C GLY D 234 4.26 19.03 -26.12
N GLU D 235 4.27 20.35 -26.27
CA GLU D 235 3.77 21.28 -25.25
C GLU D 235 2.29 21.06 -24.89
N GLU D 236 1.50 20.63 -25.86
CA GLU D 236 0.08 20.32 -25.65
C GLU D 236 -0.08 19.13 -24.69
N GLU D 237 0.69 18.06 -24.91
CA GLU D 237 0.65 16.88 -24.02
C GLU D 237 1.21 17.20 -22.63
N LYS D 238 2.25 18.03 -22.58
CA LYS D 238 2.80 18.51 -21.31
C LYS D 238 1.76 19.27 -20.51
N ASP D 239 1.03 20.18 -21.18
CA ASP D 239 -0.05 20.92 -20.53
C ASP D 239 -1.17 20.03 -20.00
N LYS D 240 -1.43 18.93 -20.70
CA LYS D 240 -2.42 17.95 -20.29
C LYS D 240 -2.06 17.35 -18.91
N TRP D 241 -0.79 17.00 -18.75
CA TRP D 241 -0.27 16.45 -17.49
C TRP D 241 -0.23 17.47 -16.37
N ARG D 242 0.23 18.68 -16.71
CA ARG D 242 0.28 19.78 -15.77
C ARG D 242 -1.08 20.07 -15.17
N ARG D 243 -2.12 20.10 -16.03
CA ARG D 243 -3.51 20.30 -15.60
C ARG D 243 -4.04 19.29 -14.58
N LYS D 244 -3.37 18.14 -14.47
CA LYS D 244 -3.79 17.07 -13.56
C LYS D 244 -3.29 17.24 -12.13
N VAL D 245 -2.28 18.09 -11.92
CA VAL D 245 -1.62 18.25 -10.62
C VAL D 245 -2.41 19.21 -9.71
N PRO D 246 -2.96 18.69 -8.59
CA PRO D 246 -3.75 19.51 -7.64
C PRO D 246 -2.97 20.71 -7.10
N LEU D 247 -1.72 20.49 -6.68
CA LEU D 247 -0.91 21.56 -6.10
C LEU D 247 -0.23 22.42 -7.17
N GLY D 248 -0.95 23.43 -7.65
CA GLY D 248 -0.37 24.44 -8.54
C GLY D 248 -0.55 24.20 -10.03
N ARG D 249 -1.16 23.07 -10.41
CA ARG D 249 -1.36 22.73 -11.81
C ARG D 249 -0.07 22.86 -12.63
N ARG D 250 1.03 22.34 -12.07
CA ARG D 250 2.34 22.45 -12.67
C ARG D 250 3.22 21.27 -12.29
N GLU D 251 4.25 21.02 -13.09
CA GLU D 251 5.23 19.99 -12.79
C GLU D 251 6.20 20.46 -11.70
N ALA D 252 6.86 19.51 -11.04
CA ALA D 252 7.92 19.84 -10.10
C ALA D 252 9.14 20.30 -10.87
N SER D 253 9.86 21.27 -10.32
CA SER D 253 11.22 21.54 -10.78
C SER D 253 12.11 20.38 -10.36
N ALA D 254 13.22 20.21 -11.07
CA ALA D 254 14.22 19.22 -10.67
C ALA D 254 14.77 19.52 -9.28
N GLU D 255 14.86 20.80 -8.94
CA GLU D 255 15.36 21.23 -7.63
C GLU D 255 14.45 20.78 -6.48
N GLN D 256 13.14 20.82 -6.69
CA GLN D 256 12.16 20.33 -5.72
C GLN D 256 12.36 18.84 -5.43
N ILE D 257 12.58 18.04 -6.48
CA ILE D 257 12.90 16.63 -6.33
C ILE D 257 14.22 16.46 -5.54
N ALA D 258 15.23 17.24 -5.92
CA ALA D 258 16.54 17.22 -5.25
C ALA D 258 16.45 17.55 -3.77
N ASP D 259 15.55 18.47 -3.44
CA ASP D 259 15.30 18.88 -2.05
C ASP D 259 14.97 17.67 -1.17
N ALA D 260 14.10 16.78 -1.67
CA ALA D 260 13.72 15.58 -0.92
C ALA D 260 14.90 14.62 -0.79
N VAL D 261 15.72 14.53 -1.84
CA VAL D 261 16.91 13.68 -1.81
C VAL D 261 17.88 14.19 -0.74
N ILE D 262 18.13 15.50 -0.71
CA ILE D 262 19.09 15.99 0.28
C ILE D 262 18.57 15.88 1.72
N PHE D 263 17.25 15.98 1.92
CA PHE D 263 16.69 15.69 3.25
C PHE D 263 17.04 14.27 3.71
N LEU D 264 16.78 13.30 2.84
CA LEU D 264 17.01 11.90 3.13
C LEU D 264 18.48 11.56 3.42
N VAL D 265 19.41 12.23 2.74
CA VAL D 265 20.84 12.01 3.01
C VAL D 265 21.33 12.74 4.25
N SER D 266 20.60 13.79 4.66
CA SER D 266 21.01 14.67 5.76
C SER D 266 20.89 14.02 7.14
N GLY D 267 21.53 14.65 8.13
CA GLY D 267 21.38 14.28 9.54
C GLY D 267 19.98 14.44 10.11
N SER D 268 19.10 15.13 9.38
CA SER D 268 17.70 15.28 9.78
C SER D 268 16.86 14.04 9.48
N ALA D 269 17.49 13.02 8.91
CA ALA D 269 16.81 11.80 8.47
C ALA D 269 17.49 10.55 9.03
N GLN D 270 18.24 10.72 10.13
CA GLN D 270 19.08 9.63 10.65
C GLN D 270 18.34 8.40 11.16
N TYR D 271 17.04 8.51 11.41
CA TYR D 271 16.23 7.36 11.84
C TYR D 271 15.35 6.85 10.70
N ILE D 272 15.47 7.49 9.54
CA ILE D 272 14.64 7.13 8.40
C ILE D 272 15.35 6.13 7.51
N THR D 273 14.78 4.93 7.42
CA THR D 273 15.24 3.95 6.42
C THR D 273 14.06 3.14 5.92
N GLY D 274 14.06 2.78 4.63
CA GLY D 274 12.95 2.05 4.03
C GLY D 274 11.76 2.93 3.68
N SER D 275 11.96 4.25 3.71
CA SER D 275 10.88 5.21 3.42
C SER D 275 11.00 5.72 2.00
N ILE D 276 9.86 5.88 1.34
CA ILE D 276 9.83 6.49 0.02
C ILE D 276 8.95 7.74 0.10
N ILE D 277 9.54 8.90 -0.15
CA ILE D 277 8.83 10.16 -0.06
C ILE D 277 8.29 10.54 -1.43
N LYS D 278 6.96 10.60 -1.56
CA LYS D 278 6.32 11.10 -2.78
C LYS D 278 6.57 12.59 -2.85
N VAL D 279 6.91 13.07 -4.04
CA VAL D 279 7.04 14.49 -4.32
C VAL D 279 6.26 14.71 -5.62
N ASP D 280 4.94 14.78 -5.50
CA ASP D 280 4.09 14.70 -6.68
C ASP D 280 2.97 15.74 -6.74
N GLY D 281 2.95 16.68 -5.79
CA GLY D 281 1.94 17.73 -5.76
C GLY D 281 0.50 17.22 -5.72
N GLY D 282 0.33 16.00 -5.20
CA GLY D 282 -0.99 15.39 -5.06
C GLY D 282 -1.48 14.60 -6.26
N LEU D 283 -0.64 14.46 -7.29
CA LEU D 283 -1.05 13.81 -8.55
C LEU D 283 -1.58 12.38 -8.36
N SER D 284 -0.91 11.59 -7.53
CA SER D 284 -1.30 10.18 -7.29
C SER D 284 -2.62 10.04 -6.52
N LEU D 285 -3.12 11.14 -5.98
CA LEU D 285 -4.39 11.16 -5.23
C LEU D 285 -5.61 11.37 -6.12
N VAL D 286 -5.37 11.72 -7.39
CA VAL D 286 -6.43 12.08 -8.32
C VAL D 286 -6.99 10.83 -9.01
N HIS D 287 -8.28 10.57 -8.83
CA HIS D 287 -8.96 9.48 -9.53
C HIS D 287 -9.09 9.76 -11.03
N ALA D 288 -9.32 8.70 -11.82
CA ALA D 288 -9.53 8.81 -13.26
C ALA D 288 -10.65 9.76 -13.64
PA NAP E . -26.18 2.35 -0.31
O1A NAP E . -27.35 2.02 -1.17
O2A NAP E . -25.75 3.74 -0.52
O5B NAP E . -26.54 2.13 1.24
C5B NAP E . -26.83 0.84 1.71
C4B NAP E . -27.71 0.96 2.96
O4B NAP E . -27.02 1.63 3.99
C3B NAP E . -28.97 1.77 2.75
O3B NAP E . -30.01 1.02 2.15
C2B NAP E . -29.30 2.23 4.17
O2B NAP E . -30.37 1.50 4.72
C1B NAP E . -28.01 1.95 4.94
N9A NAP E . -27.75 3.14 5.76
C8A NAP E . -27.39 4.41 5.39
N7A NAP E . -27.30 5.18 6.51
C5A NAP E . -27.61 4.40 7.58
C6A NAP E . -27.70 4.64 8.95
N6A NAP E . -27.45 5.84 9.48
N1A NAP E . -28.06 3.61 9.79
C2A NAP E . -28.32 2.34 9.32
N3A NAP E . -28.24 2.10 7.96
C4A NAP E . -27.90 3.13 7.12
O3 NAP E . -24.99 1.32 -0.56
PN NAP E . -24.56 0.53 -1.89
O1N NAP E . -25.52 -0.57 -2.10
O2N NAP E . -24.39 1.52 -3.00
O5D NAP E . -23.11 -0.04 -1.47
C5D NAP E . -22.95 -1.14 -0.60
C4D NAP E . -21.60 -1.06 0.12
O4D NAP E . -20.53 -1.08 -0.82
C3D NAP E . -21.45 0.23 0.92
O3D NAP E . -20.75 -0.04 2.11
C2D NAP E . -20.62 1.11 0.02
O2D NAP E . -19.89 2.11 0.69
C1D NAP E . -19.74 0.09 -0.70
N1N NAP E . -19.38 0.67 -2.01
C2N NAP E . -20.35 0.85 -2.96
C3N NAP E . -20.02 1.42 -4.19
C7N NAP E . -21.06 1.63 -5.24
O7N NAP E . -20.64 1.86 -6.55
N7N NAP E . -22.37 1.64 -4.92
C4N NAP E . -18.69 1.78 -4.43
C5N NAP E . -17.71 1.58 -3.46
C6N NAP E . -18.07 1.01 -2.24
P2B NAP E . -31.90 1.98 4.51
O1X NAP E . -32.75 0.88 5.10
O2X NAP E . -32.22 2.14 3.05
O3X NAP E . -32.13 3.29 5.24
BR15 JU2 F . -17.76 5.23 -4.57
C8 JU2 F . -19.37 4.88 -3.51
C7 JU2 F . -20.69 4.97 -4.11
C10 JU2 F . -20.98 5.26 -5.38
N11 JU2 F . -21.19 5.55 -6.48
N9 JU2 F . -19.36 4.55 -2.21
C5 JU2 F . -20.65 4.41 -1.85
C4 JU2 F . -21.58 4.65 -3.00
C3 JU2 F . -23.02 4.54 -2.79
O12 JU2 F . -23.80 4.75 -3.76
N6 JU2 F . -21.20 4.10 -0.66
C1 JU2 F . -22.55 3.99 -0.53
N13 JU2 F . -23.00 3.68 0.70
N2 JU2 F . -23.42 4.22 -1.55
PA NAP G . 8.46 -24.00 -5.57
O1A NAP G . 8.08 -25.38 -5.23
O2A NAP G . 9.57 -23.46 -4.76
O5B NAP G . 8.86 -23.86 -7.12
C5B NAP G . 7.86 -23.96 -8.10
C4B NAP G . 8.50 -24.44 -9.39
O4B NAP G . 9.23 -23.39 -9.98
C3B NAP G . 9.52 -25.56 -9.22
O3B NAP G . 8.89 -26.82 -9.20
C2B NAP G . 10.42 -25.37 -10.42
O2B NAP G . 10.21 -26.35 -11.41
C1B NAP G . 10.03 -23.98 -10.97
N9A NAP G . 11.28 -23.30 -11.30
C8A NAP G . 12.30 -22.88 -10.47
N7A NAP G . 13.27 -22.33 -11.24
C5A NAP G . 12.89 -22.39 -12.54
C6A NAP G . 13.49 -22.00 -13.74
N6A NAP G . 14.69 -21.43 -13.75
N1A NAP G . 12.82 -22.21 -14.92
C2A NAP G . 11.58 -22.81 -14.93
N3A NAP G . 10.98 -23.21 -13.74
C4A NAP G . 11.64 -23.01 -12.58
O3 NAP G . 7.17 -23.05 -5.41
PN NAP G . 5.97 -23.13 -4.32
O1N NAP G . 5.05 -24.23 -4.66
O2N NAP G . 6.59 -23.04 -2.98
O5D NAP G . 5.24 -21.72 -4.64
C5D NAP G . 4.45 -21.49 -5.79
C4D NAP G . 4.43 -19.99 -6.11
O4D NAP G . 3.90 -19.28 -4.99
C3D NAP G . 5.80 -19.41 -6.38
O3D NAP G . 5.68 -18.43 -7.38
C2D NAP G . 6.18 -18.75 -5.06
O2D NAP G . 7.11 -17.69 -5.16
C1D NAP G . 4.82 -18.29 -4.57
N1N NAP G . 4.89 -18.20 -3.10
C2N NAP G . 4.99 -19.35 -2.37
C3N NAP G . 5.07 -19.27 -1.00
C7N NAP G . 5.16 -20.50 -0.17
O7N NAP G . 4.87 -20.35 1.20
N7N NAP G . 5.50 -21.68 -0.73
C4N NAP G . 5.05 -18.03 -0.37
C5N NAP G . 4.96 -16.85 -1.12
C6N NAP G . 4.88 -16.96 -2.51
P2B NAP G . 10.91 -27.80 -11.43
O1X NAP G . 10.33 -28.56 -12.60
O2X NAP G . 10.61 -28.54 -10.15
O3X NAP G . 12.41 -27.68 -11.58
BR15 JU2 H . 8.06 -16.77 1.20
C8 JU2 H . 8.38 -18.04 -0.27
C7 JU2 H . 8.59 -19.44 0.02
C10 JU2 H . 8.55 -20.01 1.24
N11 JU2 H . 8.47 -20.57 2.25
N9 JU2 H . 8.45 -17.71 -1.56
C5 JU2 H . 8.70 -18.85 -2.22
C4 JU2 H . 8.80 -20.03 -1.30
C3 JU2 H . 9.07 -21.37 -1.85
O12 JU2 H . 9.16 -22.37 -1.08
N6 JU2 H . 8.88 -19.09 -3.53
C1 JU2 H . 9.12 -20.35 -3.98
N13 JU2 H . 9.27 -20.50 -5.31
N2 JU2 H . 9.22 -21.44 -3.17
PA NAP I . 1.44 10.77 23.72
O1A NAP I . 2.49 11.17 24.67
O2A NAP I . 0.91 9.42 24.00
O5B NAP I . 0.22 11.82 23.70
C5B NAP I . 0.40 13.12 23.18
C4B NAP I . -0.63 14.01 23.85
O4B NAP I . -1.93 13.64 23.47
C3B NAP I . -0.68 13.89 25.36
O3B NAP I . 0.33 14.67 25.96
C2B NAP I . -2.09 14.33 25.69
O2B NAP I . -2.15 15.62 26.24
C1B NAP I . -2.80 14.32 24.33
N9A NAP I . -4.13 13.71 24.51
C8A NAP I . -4.45 12.42 24.90
N7A NAP I . -5.79 12.32 24.99
C5A NAP I . -6.34 13.52 24.70
C6A NAP I . -7.65 14.00 24.64
N6A NAP I . -8.69 13.23 24.93
N1A NAP I . -7.88 15.33 24.27
C2A NAP I . -6.83 16.18 23.99
N3A NAP I . -5.54 15.70 24.04
C4A NAP I . -5.30 14.40 24.39
O3 NAP I . 2.01 10.85 22.22
PN NAP I . 3.49 10.57 21.65
O1N NAP I . 4.31 11.78 21.88
O2N NAP I . 3.93 9.26 22.13
O5D NAP I . 3.18 10.48 20.09
C5D NAP I . 2.88 11.65 19.38
C4D NAP I . 2.10 11.28 18.11
O4D NAP I . 2.86 10.34 17.36
C3D NAP I . 0.75 10.64 18.41
O3D NAP I . -0.15 11.11 17.44
C2D NAP I . 1.01 9.18 18.15
O2D NAP I . -0.13 8.43 17.80
C1D NAP I . 2.08 9.19 17.06
N1N NAP I . 2.88 7.96 17.19
C2N NAP I . 3.76 7.87 18.24
C3N NAP I . 4.52 6.72 18.39
C7N NAP I . 5.47 6.58 19.52
O7N NAP I . 6.50 5.65 19.36
N7N NAP I . 5.32 7.32 20.62
C4N NAP I . 4.37 5.68 17.48
C5N NAP I . 3.47 5.79 16.42
C6N NAP I . 2.73 6.95 16.29
P2B NAP I . -1.96 15.98 27.81
O1X NAP I . -0.67 15.38 28.33
O2X NAP I . -3.13 15.45 28.59
O3X NAP I . -1.92 17.48 27.91
BR15 JU2 J . 2.77 2.58 18.29
C8 JU2 J . 2.22 4.10 19.42
C7 JU2 J . 2.88 4.41 20.67
C10 JU2 J . 3.90 3.74 21.22
N11 JU2 J . 4.76 3.11 21.66
N9 JU2 J . 1.22 4.92 19.10
C5 JU2 J . 1.13 5.83 20.10
C4 JU2 J . 2.15 5.58 21.16
C3 JU2 J . 2.20 6.48 22.32
O12 JU2 J . 3.06 6.29 23.23
N6 JU2 J . 0.29 6.87 20.28
C1 JU2 J . 0.38 7.65 21.37
N13 JU2 J . -0.49 8.68 21.46
N2 JU2 J . 1.30 7.47 22.37
PA NAP K . 15.83 11.01 -17.56
O1A NAP K . 16.26 12.36 -17.96
O2A NAP K . 14.80 10.46 -18.46
O5B NAP K . 17.07 10.00 -17.46
C5B NAP K . 18.13 10.31 -16.57
C4B NAP K . 19.40 9.69 -17.12
O4B NAP K . 19.29 8.28 -17.16
C3B NAP K . 19.71 10.09 -18.54
O3B NAP K . 20.38 11.34 -18.58
C2B NAP K . 20.57 8.94 -19.03
O2B NAP K . 21.94 9.26 -19.10
C1B NAP K . 20.36 7.86 -17.97
N9A NAP K . 20.18 6.58 -18.68
C8A NAP K . 19.17 6.21 -19.54
N7A NAP K . 19.46 4.97 -20.02
C5A NAP K . 20.64 4.57 -19.50
C6A NAP K . 21.40 3.40 -19.64
N6A NAP K . 21.01 2.40 -20.44
N1A NAP K . 22.60 3.29 -18.95
C2A NAP K . 23.04 4.31 -18.14
N3A NAP K . 22.28 5.46 -17.99
C4A NAP K . 21.11 5.57 -18.66
O3 NAP K . 15.33 11.06 -16.04
PN NAP K . 14.63 12.25 -15.23
O1N NAP K . 15.66 13.24 -14.87
O2N NAP K . 13.44 12.65 -16.02
O5D NAP K . 14.18 11.48 -13.90
C5D NAP K . 15.13 11.09 -12.94
C4D NAP K . 14.62 9.91 -12.11
O4D NAP K . 13.36 10.21 -11.53
C3D NAP K . 14.43 8.66 -12.97
O3D NAP K . 14.83 7.55 -12.20
C2D NAP K . 12.94 8.62 -13.22
O2D NAP K . 12.41 7.33 -13.48
C1D NAP K . 12.38 9.26 -11.95
N1N NAP K . 11.09 9.87 -12.28
C2N NAP K . 11.03 11.00 -13.07
C3N NAP K . 9.80 11.57 -13.39
C7N NAP K . 9.72 12.80 -14.23
O7N NAP K . 8.50 13.50 -14.29
N7N NAP K . 10.78 13.22 -14.91
C4N NAP K . 8.63 10.96 -12.93
C5N NAP K . 8.71 9.81 -12.14
C6N NAP K . 9.95 9.27 -11.82
P2B NAP K . 22.62 9.93 -20.41
O1X NAP K . 24.03 10.30 -20.00
O2X NAP K . 21.84 11.14 -20.85
O3X NAP K . 22.69 8.96 -21.56
BR15 JU2 L . 6.40 9.22 -15.11
C8 JU2 L . 8.26 9.26 -15.70
C7 JU2 L . 8.76 10.30 -16.56
C10 JU2 L . 8.09 11.35 -17.04
N11 JU2 L . 7.44 12.23 -17.42
N9 JU2 L . 9.17 8.33 -15.36
C5 JU2 L . 10.33 8.68 -15.97
C4 JU2 L . 10.16 9.94 -16.76
C3 JU2 L . 11.30 10.49 -17.50
O12 JU2 L . 11.16 11.55 -18.16
N6 JU2 L . 11.55 8.11 -15.97
C1 JU2 L . 12.58 8.67 -16.67
N13 JU2 L . 13.77 8.03 -16.63
N2 JU2 L . 12.46 9.81 -17.40
#